data_1R7G
# 
_entry.id   1R7G 
# 
_audit_conform.dict_name       mmcif_pdbx.dic 
_audit_conform.dict_version    5.392 
_audit_conform.dict_location   http://mmcif.pdb.org/dictionaries/ascii/mmcif_pdbx.dic 
# 
loop_
_database_2.database_id 
_database_2.database_code 
_database_2.pdbx_database_accession 
_database_2.pdbx_DOI 
PDB   1R7G         pdb_00001r7g 10.2210/pdb1r7g/pdb 
RCSB  RCSB020530   ?            ?                   
WWPDB D_1000020530 ?            ?                   
# 
loop_
_pdbx_audit_revision_history.ordinal 
_pdbx_audit_revision_history.data_content_type 
_pdbx_audit_revision_history.major_revision 
_pdbx_audit_revision_history.minor_revision 
_pdbx_audit_revision_history.revision_date 
1 'Structure model' 1 0 2004-08-10 
2 'Structure model' 1 1 2008-04-29 
3 'Structure model' 1 2 2011-07-13 
4 'Structure model' 1 3 2022-03-02 
5 'Structure model' 1 4 2024-05-22 
# 
_pdbx_audit_revision_details.ordinal             1 
_pdbx_audit_revision_details.revision_ordinal    1 
_pdbx_audit_revision_details.data_content_type   'Structure model' 
_pdbx_audit_revision_details.provider            repository 
_pdbx_audit_revision_details.type                'Initial release' 
_pdbx_audit_revision_details.description         ? 
_pdbx_audit_revision_details.details             ? 
# 
loop_
_pdbx_audit_revision_group.ordinal 
_pdbx_audit_revision_group.revision_ordinal 
_pdbx_audit_revision_group.data_content_type 
_pdbx_audit_revision_group.group 
1 2 'Structure model' 'Version format compliance' 
2 3 'Structure model' 'Version format compliance' 
3 4 'Structure model' 'Database references'       
4 4 'Structure model' 'Derived calculations'      
5 5 'Structure model' 'Data collection'           
# 
loop_
_pdbx_audit_revision_category.ordinal 
_pdbx_audit_revision_category.revision_ordinal 
_pdbx_audit_revision_category.data_content_type 
_pdbx_audit_revision_category.category 
1 4 'Structure model' database_2            
2 4 'Structure model' pdbx_struct_assembly  
3 4 'Structure model' pdbx_struct_oper_list 
4 5 'Structure model' chem_comp_atom        
5 5 'Structure model' chem_comp_bond        
# 
loop_
_pdbx_audit_revision_item.ordinal 
_pdbx_audit_revision_item.revision_ordinal 
_pdbx_audit_revision_item.data_content_type 
_pdbx_audit_revision_item.item 
1 4 'Structure model' '_database_2.pdbx_DOI'                
2 4 'Structure model' '_database_2.pdbx_database_accession' 
# 
_pdbx_database_status.status_code                     REL 
_pdbx_database_status.entry_id                        1R7G 
_pdbx_database_status.recvd_initial_deposition_date   2003-10-21 
_pdbx_database_status.deposit_site                    RCSB 
_pdbx_database_status.process_site                    RCSB 
_pdbx_database_status.status_code_mr                  REL 
_pdbx_database_status.SG_entry                        . 
_pdbx_database_status.pdb_format_compatible           Y 
_pdbx_database_status.status_code_sf                  ? 
_pdbx_database_status.status_code_cs                  ? 
_pdbx_database_status.status_code_nmr_data            ? 
_pdbx_database_status.methods_development_category    ? 
# 
loop_
_pdbx_database_related.db_name 
_pdbx_database_related.db_id 
_pdbx_database_related.details 
_pdbx_database_related.content_type 
PDB 1R7C 
;NMR structure of the membrane anchor domain (1-31) of the nonstructural protein 5A (NS5A) of hepatitis C virus.
(Minimized average structure, Sample in 50% tfe)
;
unspecified 
PDB 1R7D 
;NMR structure of the membrane anchor domain (1-31) of the nonstructural protein 5A (NS5A) of hepatitis C virus. 
(Ensemble of 51 structures, sample in 50% tfe)
;
unspecified 
PDB 1R7E 
;NMR structure of the membrane anchor domain (1-31) of the nonstructural protein 5A (NS5A) of hepatitis C virus. 
(Minimized average structure, Sample in 100mM SDS.)
;
unspecified 
PDB 1R7F 
;NMR structure of the membrane anchor domain (1-31) of the nonstructural protein 5A (NS5A) of hepatitis C virus. 
(Ensemble of 43 structures, Sample in 100mM SDS.)
;
unspecified 
# 
loop_
_audit_author.name 
_audit_author.pdbx_ordinal 
'Penin, F.'          1 
'Brass, V.'          2 
'Appel, N.'          3 
'Ramboarina, S.'     4 
'Montserret, R.'     5 
'Ficheux, D.'        6 
'Blum, H.E.'         7 
'Bartenschlager, R.' 8 
'Moradpour, D.'      9 
# 
_citation.id                        primary 
_citation.title                     
'Structure and function of the membrane anchor domain of hepatitis C virus nonstructural protein 5A.' 
_citation.journal_abbrev            J.Biol.Chem. 
_citation.journal_volume            279 
_citation.page_first                40835 
_citation.page_last                 40843 
_citation.year                      2004 
_citation.journal_id_ASTM           JBCHA3 
_citation.country                   US 
_citation.journal_id_ISSN           0021-9258 
_citation.journal_id_CSD            0071 
_citation.book_publisher            ? 
_citation.pdbx_database_id_PubMed   15247283 
_citation.pdbx_database_id_DOI      10.1074/jbc.M404761200 
# 
loop_
_citation_author.citation_id 
_citation_author.name 
_citation_author.ordinal 
_citation_author.identifier_ORCID 
primary 'Penin, F.'          1 ? 
primary 'Brass, V.'          2 ? 
primary 'Appel, N.'          3 ? 
primary 'Ramboarina, S.'     4 ? 
primary 'Montserret, R.'     5 ? 
primary 'Ficheux, D.'        6 ? 
primary 'Blum, H.E.'         7 ? 
primary 'Bartenschlager, R.' 8 ? 
primary 'Moradpour, D.'      9 ? 
# 
_entity.id                         1 
_entity.type                       polymer 
_entity.src_method                 syn 
_entity.pdbx_description           'Genome polyprotein' 
_entity.formula_weight             3770.423 
_entity.pdbx_number_of_molecules   1 
_entity.pdbx_ec                    ? 
_entity.pdbx_mutation              ? 
_entity.pdbx_fragment              'Nonstructural protein NS5A (P56)(residues 1973-2003 OF SWISS-PROT SEQUENCE P27958)' 
_entity.details                    ? 
# 
_entity_poly.entity_id                      1 
_entity_poly.type                           'polypeptide(L)' 
_entity_poly.nstd_linkage                   no 
_entity_poly.nstd_monomer                   no 
_entity_poly.pdbx_seq_one_letter_code       SGSWLRDIWDWICEVLSDFKTWLKAKLMPQL 
_entity_poly.pdbx_seq_one_letter_code_can   SGSWLRDIWDWICEVLSDFKTWLKAKLMPQL 
_entity_poly.pdbx_strand_id                 A 
_entity_poly.pdbx_target_identifier         ? 
# 
loop_
_entity_poly_seq.entity_id 
_entity_poly_seq.num 
_entity_poly_seq.mon_id 
_entity_poly_seq.hetero 
1 1  SER n 
1 2  GLY n 
1 3  SER n 
1 4  TRP n 
1 5  LEU n 
1 6  ARG n 
1 7  ASP n 
1 8  ILE n 
1 9  TRP n 
1 10 ASP n 
1 11 TRP n 
1 12 ILE n 
1 13 CYS n 
1 14 GLU n 
1 15 VAL n 
1 16 LEU n 
1 17 SER n 
1 18 ASP n 
1 19 PHE n 
1 20 LYS n 
1 21 THR n 
1 22 TRP n 
1 23 LEU n 
1 24 LYS n 
1 25 ALA n 
1 26 LYS n 
1 27 LEU n 
1 28 MET n 
1 29 PRO n 
1 30 GLN n 
1 31 LEU n 
# 
_pdbx_entity_src_syn.entity_id              1 
_pdbx_entity_src_syn.pdbx_src_id            1 
_pdbx_entity_src_syn.pdbx_alt_source_flag   sample 
_pdbx_entity_src_syn.pdbx_beg_seq_num       ? 
_pdbx_entity_src_syn.pdbx_end_seq_num       ? 
_pdbx_entity_src_syn.organism_scientific    ? 
_pdbx_entity_src_syn.organism_common_name   ? 
_pdbx_entity_src_syn.ncbi_taxonomy_id       ? 
_pdbx_entity_src_syn.details                
'The peptide was chemically synthesized. The sequence is naturally found in hepatitis C virus.' 
# 
loop_
_chem_comp.id 
_chem_comp.type 
_chem_comp.mon_nstd_flag 
_chem_comp.name 
_chem_comp.pdbx_synonyms 
_chem_comp.formula 
_chem_comp.formula_weight 
ALA 'L-peptide linking' y ALANINE         ? 'C3 H7 N O2'     89.093  
ARG 'L-peptide linking' y ARGININE        ? 'C6 H15 N4 O2 1' 175.209 
ASP 'L-peptide linking' y 'ASPARTIC ACID' ? 'C4 H7 N O4'     133.103 
CYS 'L-peptide linking' y CYSTEINE        ? 'C3 H7 N O2 S'   121.158 
GLN 'L-peptide linking' y GLUTAMINE       ? 'C5 H10 N2 O3'   146.144 
GLU 'L-peptide linking' y 'GLUTAMIC ACID' ? 'C5 H9 N O4'     147.129 
GLY 'peptide linking'   y GLYCINE         ? 'C2 H5 N O2'     75.067  
ILE 'L-peptide linking' y ISOLEUCINE      ? 'C6 H13 N O2'    131.173 
LEU 'L-peptide linking' y LEUCINE         ? 'C6 H13 N O2'    131.173 
LYS 'L-peptide linking' y LYSINE          ? 'C6 H15 N2 O2 1' 147.195 
MET 'L-peptide linking' y METHIONINE      ? 'C5 H11 N O2 S'  149.211 
PHE 'L-peptide linking' y PHENYLALANINE   ? 'C9 H11 N O2'    165.189 
PRO 'L-peptide linking' y PROLINE         ? 'C5 H9 N O2'     115.130 
SER 'L-peptide linking' y SERINE          ? 'C3 H7 N O3'     105.093 
THR 'L-peptide linking' y THREONINE       ? 'C4 H9 N O3'     119.119 
TRP 'L-peptide linking' y TRYPTOPHAN      ? 'C11 H12 N2 O2'  204.225 
VAL 'L-peptide linking' y VALINE          ? 'C5 H11 N O2'    117.146 
# 
loop_
_pdbx_poly_seq_scheme.asym_id 
_pdbx_poly_seq_scheme.entity_id 
_pdbx_poly_seq_scheme.seq_id 
_pdbx_poly_seq_scheme.mon_id 
_pdbx_poly_seq_scheme.ndb_seq_num 
_pdbx_poly_seq_scheme.pdb_seq_num 
_pdbx_poly_seq_scheme.auth_seq_num 
_pdbx_poly_seq_scheme.pdb_mon_id 
_pdbx_poly_seq_scheme.auth_mon_id 
_pdbx_poly_seq_scheme.pdb_strand_id 
_pdbx_poly_seq_scheme.pdb_ins_code 
_pdbx_poly_seq_scheme.hetero 
A 1 1  SER 1  1  1  SER SER A . n 
A 1 2  GLY 2  2  2  GLY GLY A . n 
A 1 3  SER 3  3  3  SER SER A . n 
A 1 4  TRP 4  4  4  TRP TRP A . n 
A 1 5  LEU 5  5  5  LEU LEU A . n 
A 1 6  ARG 6  6  6  ARG ARG A . n 
A 1 7  ASP 7  7  7  ASP ASP A . n 
A 1 8  ILE 8  8  8  ILE ILE A . n 
A 1 9  TRP 9  9  9  TRP TRP A . n 
A 1 10 ASP 10 10 10 ASP ASP A . n 
A 1 11 TRP 11 11 11 TRP TRP A . n 
A 1 12 ILE 12 12 12 ILE ILE A . n 
A 1 13 CYS 13 13 13 CYS CYS A . n 
A 1 14 GLU 14 14 14 GLU GLU A . n 
A 1 15 VAL 15 15 15 VAL VAL A . n 
A 1 16 LEU 16 16 16 LEU LEU A . n 
A 1 17 SER 17 17 17 SER SER A . n 
A 1 18 ASP 18 18 18 ASP ASP A . n 
A 1 19 PHE 19 19 19 PHE PHE A . n 
A 1 20 LYS 20 20 20 LYS LYS A . n 
A 1 21 THR 21 21 21 THR THR A . n 
A 1 22 TRP 22 22 22 TRP TRP A . n 
A 1 23 LEU 23 23 23 LEU LEU A . n 
A 1 24 LYS 24 24 24 LYS LYS A . n 
A 1 25 ALA 25 25 25 ALA ALA A . n 
A 1 26 LYS 26 26 26 LYS LYS A . n 
A 1 27 LEU 27 27 27 LEU LEU A . n 
A 1 28 MET 28 28 28 MET MET A . n 
A 1 29 PRO 29 29 29 PRO PRO A . n 
A 1 30 GLN 30 30 30 GLN GLN A . n 
A 1 31 LEU 31 31 31 LEU LEU A . n 
# 
_exptl.entry_id          1R7G 
_exptl.method            'SOLUTION NMR' 
_exptl.crystals_number   ? 
# 
_exptl_crystal.id                    1 
_exptl_crystal.density_meas          ? 
_exptl_crystal.density_Matthews      ? 
_exptl_crystal.density_percent_sol   ? 
_exptl_crystal.description           ? 
# 
_diffrn.id                     1 
_diffrn.ambient_temp           ? 
_diffrn.ambient_temp_details   ? 
_diffrn.crystal_id             1 
# 
_diffrn_radiation.diffrn_id                        1 
_diffrn_radiation.wavelength_id                    1 
_diffrn_radiation.pdbx_monochromatic_or_laue_m_l   M 
_diffrn_radiation.monochromator                    ? 
_diffrn_radiation.pdbx_diffrn_protocol             'SINGLE WAVELENGTH' 
_diffrn_radiation.pdbx_scattering_type             ? 
# 
_diffrn_radiation_wavelength.id           1 
_diffrn_radiation_wavelength.wavelength   . 
_diffrn_radiation_wavelength.wt           1.0 
# 
_struct.entry_id                  1R7G 
_struct.title                     
;NMR structure of the membrane anchor domain (1-31) of the nonstructural protein 5A (NS5A) of hepatitis C virus (Minimized average structure, Sample in 100mM DPC)
;
_struct.pdbx_model_details        ? 
_struct.pdbx_CASP_flag            ? 
_struct.pdbx_model_type_details   'minimized average' 
# 
_struct_keywords.entry_id        1R7G 
_struct_keywords.pdbx_keywords   'MEMBRANE PROTEIN' 
_struct_keywords.text            'Membrane anchor domain, HCV NS5A protein, peptide., MEMBRANE PROTEIN' 
# 
_struct_asym.id                            A 
_struct_asym.pdbx_blank_PDB_chainid_flag   N 
_struct_asym.pdbx_modified                 N 
_struct_asym.entity_id                     1 
_struct_asym.details                       ? 
# 
_struct_ref.id                         1 
_struct_ref.db_name                    UNP 
_struct_ref.db_code                    POLG_HCVH 
_struct_ref.pdbx_db_accession          P27958 
_struct_ref.entity_id                  1 
_struct_ref.pdbx_seq_one_letter_code   SGSWLRDIWDWICEVLSDFKTWLKAKLMPQL 
_struct_ref.pdbx_align_begin           1973 
_struct_ref.pdbx_db_isoform            ? 
# 
_struct_ref_seq.align_id                      1 
_struct_ref_seq.ref_id                        1 
_struct_ref_seq.pdbx_PDB_id_code              1R7G 
_struct_ref_seq.pdbx_strand_id                A 
_struct_ref_seq.seq_align_beg                 1 
_struct_ref_seq.pdbx_seq_align_beg_ins_code   ? 
_struct_ref_seq.seq_align_end                 31 
_struct_ref_seq.pdbx_seq_align_end_ins_code   ? 
_struct_ref_seq.pdbx_db_accession             P27958 
_struct_ref_seq.db_align_beg                  1973 
_struct_ref_seq.pdbx_db_align_beg_ins_code    ? 
_struct_ref_seq.db_align_end                  2003 
_struct_ref_seq.pdbx_db_align_end_ins_code    ? 
_struct_ref_seq.pdbx_auth_seq_align_beg       1 
_struct_ref_seq.pdbx_auth_seq_align_end       31 
# 
_pdbx_struct_assembly.id                   1 
_pdbx_struct_assembly.details              author_defined_assembly 
_pdbx_struct_assembly.method_details       ? 
_pdbx_struct_assembly.oligomeric_details   monomeric 
_pdbx_struct_assembly.oligomeric_count     1 
# 
_pdbx_struct_assembly_gen.assembly_id       1 
_pdbx_struct_assembly_gen.oper_expression   1 
_pdbx_struct_assembly_gen.asym_id_list      A 
# 
_pdbx_struct_oper_list.id                   1 
_pdbx_struct_oper_list.type                 'identity operation' 
_pdbx_struct_oper_list.name                 1_555 
_pdbx_struct_oper_list.symmetry_operation   x,y,z 
_pdbx_struct_oper_list.matrix[1][1]         1.0000000000 
_pdbx_struct_oper_list.matrix[1][2]         0.0000000000 
_pdbx_struct_oper_list.matrix[1][3]         0.0000000000 
_pdbx_struct_oper_list.vector[1]            0.0000000000 
_pdbx_struct_oper_list.matrix[2][1]         0.0000000000 
_pdbx_struct_oper_list.matrix[2][2]         1.0000000000 
_pdbx_struct_oper_list.matrix[2][3]         0.0000000000 
_pdbx_struct_oper_list.vector[2]            0.0000000000 
_pdbx_struct_oper_list.matrix[3][1]         0.0000000000 
_pdbx_struct_oper_list.matrix[3][2]         0.0000000000 
_pdbx_struct_oper_list.matrix[3][3]         1.0000000000 
_pdbx_struct_oper_list.vector[3]            0.0000000000 
# 
_struct_biol.id   1 
# 
_struct_conf.conf_type_id            HELX_P 
_struct_conf.id                      HELX_P1 
_struct_conf.pdbx_PDB_helix_id       1 
_struct_conf.beg_label_comp_id       SER 
_struct_conf.beg_label_asym_id       A 
_struct_conf.beg_label_seq_id        3 
_struct_conf.pdbx_beg_PDB_ins_code   ? 
_struct_conf.end_label_comp_id       LYS 
_struct_conf.end_label_asym_id       A 
_struct_conf.end_label_seq_id        26 
_struct_conf.pdbx_end_PDB_ins_code   ? 
_struct_conf.beg_auth_comp_id        SER 
_struct_conf.beg_auth_asym_id        A 
_struct_conf.beg_auth_seq_id         3 
_struct_conf.end_auth_comp_id        LYS 
_struct_conf.end_auth_asym_id        A 
_struct_conf.end_auth_seq_id         26 
_struct_conf.pdbx_PDB_helix_class    1 
_struct_conf.details                 ? 
_struct_conf.pdbx_PDB_helix_length   24 
# 
_struct_conf_type.id          HELX_P 
_struct_conf_type.criteria    ? 
_struct_conf_type.reference   ? 
# 
loop_
_pdbx_validate_torsion.id 
_pdbx_validate_torsion.PDB_model_num 
_pdbx_validate_torsion.auth_comp_id 
_pdbx_validate_torsion.auth_asym_id 
_pdbx_validate_torsion.auth_seq_id 
_pdbx_validate_torsion.PDB_ins_code 
_pdbx_validate_torsion.label_alt_id 
_pdbx_validate_torsion.phi 
_pdbx_validate_torsion.psi 
1 1 LYS A 26 ? ? -89.49  -115.42 
2 1 LEU A 27 ? ? 59.88   -167.36 
3 1 MET A 28 ? ? 50.70   73.98   
4 1 GLN A 30 ? ? -140.21 -67.22  
# 
_pdbx_validate_planes.id              1 
_pdbx_validate_planes.PDB_model_num   1 
_pdbx_validate_planes.auth_comp_id    ARG 
_pdbx_validate_planes.auth_asym_id    A 
_pdbx_validate_planes.auth_seq_id     6 
_pdbx_validate_planes.PDB_ins_code    ? 
_pdbx_validate_planes.label_alt_id    ? 
_pdbx_validate_planes.rmsd            0.278 
_pdbx_validate_planes.type            'SIDE CHAIN' 
# 
_pdbx_nmr_ensemble.entry_id                             1R7G 
_pdbx_nmr_ensemble.conformers_calculated_total_number   ? 
_pdbx_nmr_ensemble.conformers_submitted_total_number    1 
_pdbx_nmr_ensemble.conformer_selection_criteria         ? 
# 
_pdbx_nmr_representative.entry_id             1R7G 
_pdbx_nmr_representative.conformer_id         1 
_pdbx_nmr_representative.selection_criteria   'minimized average structure' 
# 
_pdbx_nmr_sample_details.solution_id      1 
_pdbx_nmr_sample_details.contents         '1.2mM NS5A[1-31], 10mM DTTd10' 
_pdbx_nmr_sample_details.solvent_system   '100mM DPC in H2O/D2O 95/5 (v/v)' 
# 
_pdbx_nmr_exptl_sample_conditions.conditions_id       1 
_pdbx_nmr_exptl_sample_conditions.temperature         313 
_pdbx_nmr_exptl_sample_conditions.pressure            ambient 
_pdbx_nmr_exptl_sample_conditions.pH                  6.0 
_pdbx_nmr_exptl_sample_conditions.ionic_strength      ? 
_pdbx_nmr_exptl_sample_conditions.pressure_units      ? 
_pdbx_nmr_exptl_sample_conditions.temperature_units   K 
# 
loop_
_pdbx_nmr_exptl.experiment_id 
_pdbx_nmr_exptl.solution_id 
_pdbx_nmr_exptl.conditions_id 
_pdbx_nmr_exptl.type 
1 1 1 '2D NOESY'    
2 1 1 '2D TOCSY'    
3 1 1 DQF-COSY      
4 1 1 '1H-13C HSQC' 
# 
_pdbx_nmr_refine.entry_id           1R7G 
_pdbx_nmr_refine.method             'distance geometry, simulated annealing, molecular dynamics, energy minimization' 
_pdbx_nmr_refine.details            ? 
_pdbx_nmr_refine.software_ordinal   1 
# 
loop_
_pdbx_nmr_software.name 
_pdbx_nmr_software.version 
_pdbx_nmr_software.classification 
_pdbx_nmr_software.authors 
_pdbx_nmr_software.ordinal 
VNMR   6.1  collection           Varian  1 
VNMR   6.1  processing           Varian  2 
VNMR   6.1  'data analysis'      Varian  3 
X-PLOR 3.85 'structure solution' Brunger 4 
X-PLOR 3.85 refinement           Brunger 5 
# 
loop_
_chem_comp_atom.comp_id 
_chem_comp_atom.atom_id 
_chem_comp_atom.type_symbol 
_chem_comp_atom.pdbx_aromatic_flag 
_chem_comp_atom.pdbx_stereo_config 
_chem_comp_atom.pdbx_ordinal 
ALA N    N N N 1   
ALA CA   C N S 2   
ALA C    C N N 3   
ALA O    O N N 4   
ALA CB   C N N 5   
ALA OXT  O N N 6   
ALA H    H N N 7   
ALA H2   H N N 8   
ALA HA   H N N 9   
ALA HB1  H N N 10  
ALA HB2  H N N 11  
ALA HB3  H N N 12  
ALA HXT  H N N 13  
ARG N    N N N 14  
ARG CA   C N S 15  
ARG C    C N N 16  
ARG O    O N N 17  
ARG CB   C N N 18  
ARG CG   C N N 19  
ARG CD   C N N 20  
ARG NE   N N N 21  
ARG CZ   C N N 22  
ARG NH1  N N N 23  
ARG NH2  N N N 24  
ARG OXT  O N N 25  
ARG H    H N N 26  
ARG H2   H N N 27  
ARG HA   H N N 28  
ARG HB2  H N N 29  
ARG HB3  H N N 30  
ARG HG2  H N N 31  
ARG HG3  H N N 32  
ARG HD2  H N N 33  
ARG HD3  H N N 34  
ARG HE   H N N 35  
ARG HH11 H N N 36  
ARG HH12 H N N 37  
ARG HH21 H N N 38  
ARG HH22 H N N 39  
ARG HXT  H N N 40  
ASP N    N N N 41  
ASP CA   C N S 42  
ASP C    C N N 43  
ASP O    O N N 44  
ASP CB   C N N 45  
ASP CG   C N N 46  
ASP OD1  O N N 47  
ASP OD2  O N N 48  
ASP OXT  O N N 49  
ASP H    H N N 50  
ASP H2   H N N 51  
ASP HA   H N N 52  
ASP HB2  H N N 53  
ASP HB3  H N N 54  
ASP HD2  H N N 55  
ASP HXT  H N N 56  
CYS N    N N N 57  
CYS CA   C N R 58  
CYS C    C N N 59  
CYS O    O N N 60  
CYS CB   C N N 61  
CYS SG   S N N 62  
CYS OXT  O N N 63  
CYS H    H N N 64  
CYS H2   H N N 65  
CYS HA   H N N 66  
CYS HB2  H N N 67  
CYS HB3  H N N 68  
CYS HG   H N N 69  
CYS HXT  H N N 70  
GLN N    N N N 71  
GLN CA   C N S 72  
GLN C    C N N 73  
GLN O    O N N 74  
GLN CB   C N N 75  
GLN CG   C N N 76  
GLN CD   C N N 77  
GLN OE1  O N N 78  
GLN NE2  N N N 79  
GLN OXT  O N N 80  
GLN H    H N N 81  
GLN H2   H N N 82  
GLN HA   H N N 83  
GLN HB2  H N N 84  
GLN HB3  H N N 85  
GLN HG2  H N N 86  
GLN HG3  H N N 87  
GLN HE21 H N N 88  
GLN HE22 H N N 89  
GLN HXT  H N N 90  
GLU N    N N N 91  
GLU CA   C N S 92  
GLU C    C N N 93  
GLU O    O N N 94  
GLU CB   C N N 95  
GLU CG   C N N 96  
GLU CD   C N N 97  
GLU OE1  O N N 98  
GLU OE2  O N N 99  
GLU OXT  O N N 100 
GLU H    H N N 101 
GLU H2   H N N 102 
GLU HA   H N N 103 
GLU HB2  H N N 104 
GLU HB3  H N N 105 
GLU HG2  H N N 106 
GLU HG3  H N N 107 
GLU HE2  H N N 108 
GLU HXT  H N N 109 
GLY N    N N N 110 
GLY CA   C N N 111 
GLY C    C N N 112 
GLY O    O N N 113 
GLY OXT  O N N 114 
GLY H    H N N 115 
GLY H2   H N N 116 
GLY HA2  H N N 117 
GLY HA3  H N N 118 
GLY HXT  H N N 119 
ILE N    N N N 120 
ILE CA   C N S 121 
ILE C    C N N 122 
ILE O    O N N 123 
ILE CB   C N S 124 
ILE CG1  C N N 125 
ILE CG2  C N N 126 
ILE CD1  C N N 127 
ILE OXT  O N N 128 
ILE H    H N N 129 
ILE H2   H N N 130 
ILE HA   H N N 131 
ILE HB   H N N 132 
ILE HG12 H N N 133 
ILE HG13 H N N 134 
ILE HG21 H N N 135 
ILE HG22 H N N 136 
ILE HG23 H N N 137 
ILE HD11 H N N 138 
ILE HD12 H N N 139 
ILE HD13 H N N 140 
ILE HXT  H N N 141 
LEU N    N N N 142 
LEU CA   C N S 143 
LEU C    C N N 144 
LEU O    O N N 145 
LEU CB   C N N 146 
LEU CG   C N N 147 
LEU CD1  C N N 148 
LEU CD2  C N N 149 
LEU OXT  O N N 150 
LEU H    H N N 151 
LEU H2   H N N 152 
LEU HA   H N N 153 
LEU HB2  H N N 154 
LEU HB3  H N N 155 
LEU HG   H N N 156 
LEU HD11 H N N 157 
LEU HD12 H N N 158 
LEU HD13 H N N 159 
LEU HD21 H N N 160 
LEU HD22 H N N 161 
LEU HD23 H N N 162 
LEU HXT  H N N 163 
LYS N    N N N 164 
LYS CA   C N S 165 
LYS C    C N N 166 
LYS O    O N N 167 
LYS CB   C N N 168 
LYS CG   C N N 169 
LYS CD   C N N 170 
LYS CE   C N N 171 
LYS NZ   N N N 172 
LYS OXT  O N N 173 
LYS H    H N N 174 
LYS H2   H N N 175 
LYS HA   H N N 176 
LYS HB2  H N N 177 
LYS HB3  H N N 178 
LYS HG2  H N N 179 
LYS HG3  H N N 180 
LYS HD2  H N N 181 
LYS HD3  H N N 182 
LYS HE2  H N N 183 
LYS HE3  H N N 184 
LYS HZ1  H N N 185 
LYS HZ2  H N N 186 
LYS HZ3  H N N 187 
LYS HXT  H N N 188 
MET N    N N N 189 
MET CA   C N S 190 
MET C    C N N 191 
MET O    O N N 192 
MET CB   C N N 193 
MET CG   C N N 194 
MET SD   S N N 195 
MET CE   C N N 196 
MET OXT  O N N 197 
MET H    H N N 198 
MET H2   H N N 199 
MET HA   H N N 200 
MET HB2  H N N 201 
MET HB3  H N N 202 
MET HG2  H N N 203 
MET HG3  H N N 204 
MET HE1  H N N 205 
MET HE2  H N N 206 
MET HE3  H N N 207 
MET HXT  H N N 208 
PHE N    N N N 209 
PHE CA   C N S 210 
PHE C    C N N 211 
PHE O    O N N 212 
PHE CB   C N N 213 
PHE CG   C Y N 214 
PHE CD1  C Y N 215 
PHE CD2  C Y N 216 
PHE CE1  C Y N 217 
PHE CE2  C Y N 218 
PHE CZ   C Y N 219 
PHE OXT  O N N 220 
PHE H    H N N 221 
PHE H2   H N N 222 
PHE HA   H N N 223 
PHE HB2  H N N 224 
PHE HB3  H N N 225 
PHE HD1  H N N 226 
PHE HD2  H N N 227 
PHE HE1  H N N 228 
PHE HE2  H N N 229 
PHE HZ   H N N 230 
PHE HXT  H N N 231 
PRO N    N N N 232 
PRO CA   C N S 233 
PRO C    C N N 234 
PRO O    O N N 235 
PRO CB   C N N 236 
PRO CG   C N N 237 
PRO CD   C N N 238 
PRO OXT  O N N 239 
PRO H    H N N 240 
PRO HA   H N N 241 
PRO HB2  H N N 242 
PRO HB3  H N N 243 
PRO HG2  H N N 244 
PRO HG3  H N N 245 
PRO HD2  H N N 246 
PRO HD3  H N N 247 
PRO HXT  H N N 248 
SER N    N N N 249 
SER CA   C N S 250 
SER C    C N N 251 
SER O    O N N 252 
SER CB   C N N 253 
SER OG   O N N 254 
SER OXT  O N N 255 
SER H    H N N 256 
SER H2   H N N 257 
SER HA   H N N 258 
SER HB2  H N N 259 
SER HB3  H N N 260 
SER HG   H N N 261 
SER HXT  H N N 262 
THR N    N N N 263 
THR CA   C N S 264 
THR C    C N N 265 
THR O    O N N 266 
THR CB   C N R 267 
THR OG1  O N N 268 
THR CG2  C N N 269 
THR OXT  O N N 270 
THR H    H N N 271 
THR H2   H N N 272 
THR HA   H N N 273 
THR HB   H N N 274 
THR HG1  H N N 275 
THR HG21 H N N 276 
THR HG22 H N N 277 
THR HG23 H N N 278 
THR HXT  H N N 279 
TRP N    N N N 280 
TRP CA   C N S 281 
TRP C    C N N 282 
TRP O    O N N 283 
TRP CB   C N N 284 
TRP CG   C Y N 285 
TRP CD1  C Y N 286 
TRP CD2  C Y N 287 
TRP NE1  N Y N 288 
TRP CE2  C Y N 289 
TRP CE3  C Y N 290 
TRP CZ2  C Y N 291 
TRP CZ3  C Y N 292 
TRP CH2  C Y N 293 
TRP OXT  O N N 294 
TRP H    H N N 295 
TRP H2   H N N 296 
TRP HA   H N N 297 
TRP HB2  H N N 298 
TRP HB3  H N N 299 
TRP HD1  H N N 300 
TRP HE1  H N N 301 
TRP HE3  H N N 302 
TRP HZ2  H N N 303 
TRP HZ3  H N N 304 
TRP HH2  H N N 305 
TRP HXT  H N N 306 
VAL N    N N N 307 
VAL CA   C N S 308 
VAL C    C N N 309 
VAL O    O N N 310 
VAL CB   C N N 311 
VAL CG1  C N N 312 
VAL CG2  C N N 313 
VAL OXT  O N N 314 
VAL H    H N N 315 
VAL H2   H N N 316 
VAL HA   H N N 317 
VAL HB   H N N 318 
VAL HG11 H N N 319 
VAL HG12 H N N 320 
VAL HG13 H N N 321 
VAL HG21 H N N 322 
VAL HG22 H N N 323 
VAL HG23 H N N 324 
VAL HXT  H N N 325 
# 
loop_
_chem_comp_bond.comp_id 
_chem_comp_bond.atom_id_1 
_chem_comp_bond.atom_id_2 
_chem_comp_bond.value_order 
_chem_comp_bond.pdbx_aromatic_flag 
_chem_comp_bond.pdbx_stereo_config 
_chem_comp_bond.pdbx_ordinal 
ALA N   CA   sing N N 1   
ALA N   H    sing N N 2   
ALA N   H2   sing N N 3   
ALA CA  C    sing N N 4   
ALA CA  CB   sing N N 5   
ALA CA  HA   sing N N 6   
ALA C   O    doub N N 7   
ALA C   OXT  sing N N 8   
ALA CB  HB1  sing N N 9   
ALA CB  HB2  sing N N 10  
ALA CB  HB3  sing N N 11  
ALA OXT HXT  sing N N 12  
ARG N   CA   sing N N 13  
ARG N   H    sing N N 14  
ARG N   H2   sing N N 15  
ARG CA  C    sing N N 16  
ARG CA  CB   sing N N 17  
ARG CA  HA   sing N N 18  
ARG C   O    doub N N 19  
ARG C   OXT  sing N N 20  
ARG CB  CG   sing N N 21  
ARG CB  HB2  sing N N 22  
ARG CB  HB3  sing N N 23  
ARG CG  CD   sing N N 24  
ARG CG  HG2  sing N N 25  
ARG CG  HG3  sing N N 26  
ARG CD  NE   sing N N 27  
ARG CD  HD2  sing N N 28  
ARG CD  HD3  sing N N 29  
ARG NE  CZ   sing N N 30  
ARG NE  HE   sing N N 31  
ARG CZ  NH1  sing N N 32  
ARG CZ  NH2  doub N N 33  
ARG NH1 HH11 sing N N 34  
ARG NH1 HH12 sing N N 35  
ARG NH2 HH21 sing N N 36  
ARG NH2 HH22 sing N N 37  
ARG OXT HXT  sing N N 38  
ASP N   CA   sing N N 39  
ASP N   H    sing N N 40  
ASP N   H2   sing N N 41  
ASP CA  C    sing N N 42  
ASP CA  CB   sing N N 43  
ASP CA  HA   sing N N 44  
ASP C   O    doub N N 45  
ASP C   OXT  sing N N 46  
ASP CB  CG   sing N N 47  
ASP CB  HB2  sing N N 48  
ASP CB  HB3  sing N N 49  
ASP CG  OD1  doub N N 50  
ASP CG  OD2  sing N N 51  
ASP OD2 HD2  sing N N 52  
ASP OXT HXT  sing N N 53  
CYS N   CA   sing N N 54  
CYS N   H    sing N N 55  
CYS N   H2   sing N N 56  
CYS CA  C    sing N N 57  
CYS CA  CB   sing N N 58  
CYS CA  HA   sing N N 59  
CYS C   O    doub N N 60  
CYS C   OXT  sing N N 61  
CYS CB  SG   sing N N 62  
CYS CB  HB2  sing N N 63  
CYS CB  HB3  sing N N 64  
CYS SG  HG   sing N N 65  
CYS OXT HXT  sing N N 66  
GLN N   CA   sing N N 67  
GLN N   H    sing N N 68  
GLN N   H2   sing N N 69  
GLN CA  C    sing N N 70  
GLN CA  CB   sing N N 71  
GLN CA  HA   sing N N 72  
GLN C   O    doub N N 73  
GLN C   OXT  sing N N 74  
GLN CB  CG   sing N N 75  
GLN CB  HB2  sing N N 76  
GLN CB  HB3  sing N N 77  
GLN CG  CD   sing N N 78  
GLN CG  HG2  sing N N 79  
GLN CG  HG3  sing N N 80  
GLN CD  OE1  doub N N 81  
GLN CD  NE2  sing N N 82  
GLN NE2 HE21 sing N N 83  
GLN NE2 HE22 sing N N 84  
GLN OXT HXT  sing N N 85  
GLU N   CA   sing N N 86  
GLU N   H    sing N N 87  
GLU N   H2   sing N N 88  
GLU CA  C    sing N N 89  
GLU CA  CB   sing N N 90  
GLU CA  HA   sing N N 91  
GLU C   O    doub N N 92  
GLU C   OXT  sing N N 93  
GLU CB  CG   sing N N 94  
GLU CB  HB2  sing N N 95  
GLU CB  HB3  sing N N 96  
GLU CG  CD   sing N N 97  
GLU CG  HG2  sing N N 98  
GLU CG  HG3  sing N N 99  
GLU CD  OE1  doub N N 100 
GLU CD  OE2  sing N N 101 
GLU OE2 HE2  sing N N 102 
GLU OXT HXT  sing N N 103 
GLY N   CA   sing N N 104 
GLY N   H    sing N N 105 
GLY N   H2   sing N N 106 
GLY CA  C    sing N N 107 
GLY CA  HA2  sing N N 108 
GLY CA  HA3  sing N N 109 
GLY C   O    doub N N 110 
GLY C   OXT  sing N N 111 
GLY OXT HXT  sing N N 112 
ILE N   CA   sing N N 113 
ILE N   H    sing N N 114 
ILE N   H2   sing N N 115 
ILE CA  C    sing N N 116 
ILE CA  CB   sing N N 117 
ILE CA  HA   sing N N 118 
ILE C   O    doub N N 119 
ILE C   OXT  sing N N 120 
ILE CB  CG1  sing N N 121 
ILE CB  CG2  sing N N 122 
ILE CB  HB   sing N N 123 
ILE CG1 CD1  sing N N 124 
ILE CG1 HG12 sing N N 125 
ILE CG1 HG13 sing N N 126 
ILE CG2 HG21 sing N N 127 
ILE CG2 HG22 sing N N 128 
ILE CG2 HG23 sing N N 129 
ILE CD1 HD11 sing N N 130 
ILE CD1 HD12 sing N N 131 
ILE CD1 HD13 sing N N 132 
ILE OXT HXT  sing N N 133 
LEU N   CA   sing N N 134 
LEU N   H    sing N N 135 
LEU N   H2   sing N N 136 
LEU CA  C    sing N N 137 
LEU CA  CB   sing N N 138 
LEU CA  HA   sing N N 139 
LEU C   O    doub N N 140 
LEU C   OXT  sing N N 141 
LEU CB  CG   sing N N 142 
LEU CB  HB2  sing N N 143 
LEU CB  HB3  sing N N 144 
LEU CG  CD1  sing N N 145 
LEU CG  CD2  sing N N 146 
LEU CG  HG   sing N N 147 
LEU CD1 HD11 sing N N 148 
LEU CD1 HD12 sing N N 149 
LEU CD1 HD13 sing N N 150 
LEU CD2 HD21 sing N N 151 
LEU CD2 HD22 sing N N 152 
LEU CD2 HD23 sing N N 153 
LEU OXT HXT  sing N N 154 
LYS N   CA   sing N N 155 
LYS N   H    sing N N 156 
LYS N   H2   sing N N 157 
LYS CA  C    sing N N 158 
LYS CA  CB   sing N N 159 
LYS CA  HA   sing N N 160 
LYS C   O    doub N N 161 
LYS C   OXT  sing N N 162 
LYS CB  CG   sing N N 163 
LYS CB  HB2  sing N N 164 
LYS CB  HB3  sing N N 165 
LYS CG  CD   sing N N 166 
LYS CG  HG2  sing N N 167 
LYS CG  HG3  sing N N 168 
LYS CD  CE   sing N N 169 
LYS CD  HD2  sing N N 170 
LYS CD  HD3  sing N N 171 
LYS CE  NZ   sing N N 172 
LYS CE  HE2  sing N N 173 
LYS CE  HE3  sing N N 174 
LYS NZ  HZ1  sing N N 175 
LYS NZ  HZ2  sing N N 176 
LYS NZ  HZ3  sing N N 177 
LYS OXT HXT  sing N N 178 
MET N   CA   sing N N 179 
MET N   H    sing N N 180 
MET N   H2   sing N N 181 
MET CA  C    sing N N 182 
MET CA  CB   sing N N 183 
MET CA  HA   sing N N 184 
MET C   O    doub N N 185 
MET C   OXT  sing N N 186 
MET CB  CG   sing N N 187 
MET CB  HB2  sing N N 188 
MET CB  HB3  sing N N 189 
MET CG  SD   sing N N 190 
MET CG  HG2  sing N N 191 
MET CG  HG3  sing N N 192 
MET SD  CE   sing N N 193 
MET CE  HE1  sing N N 194 
MET CE  HE2  sing N N 195 
MET CE  HE3  sing N N 196 
MET OXT HXT  sing N N 197 
PHE N   CA   sing N N 198 
PHE N   H    sing N N 199 
PHE N   H2   sing N N 200 
PHE CA  C    sing N N 201 
PHE CA  CB   sing N N 202 
PHE CA  HA   sing N N 203 
PHE C   O    doub N N 204 
PHE C   OXT  sing N N 205 
PHE CB  CG   sing N N 206 
PHE CB  HB2  sing N N 207 
PHE CB  HB3  sing N N 208 
PHE CG  CD1  doub Y N 209 
PHE CG  CD2  sing Y N 210 
PHE CD1 CE1  sing Y N 211 
PHE CD1 HD1  sing N N 212 
PHE CD2 CE2  doub Y N 213 
PHE CD2 HD2  sing N N 214 
PHE CE1 CZ   doub Y N 215 
PHE CE1 HE1  sing N N 216 
PHE CE2 CZ   sing Y N 217 
PHE CE2 HE2  sing N N 218 
PHE CZ  HZ   sing N N 219 
PHE OXT HXT  sing N N 220 
PRO N   CA   sing N N 221 
PRO N   CD   sing N N 222 
PRO N   H    sing N N 223 
PRO CA  C    sing N N 224 
PRO CA  CB   sing N N 225 
PRO CA  HA   sing N N 226 
PRO C   O    doub N N 227 
PRO C   OXT  sing N N 228 
PRO CB  CG   sing N N 229 
PRO CB  HB2  sing N N 230 
PRO CB  HB3  sing N N 231 
PRO CG  CD   sing N N 232 
PRO CG  HG2  sing N N 233 
PRO CG  HG3  sing N N 234 
PRO CD  HD2  sing N N 235 
PRO CD  HD3  sing N N 236 
PRO OXT HXT  sing N N 237 
SER N   CA   sing N N 238 
SER N   H    sing N N 239 
SER N   H2   sing N N 240 
SER CA  C    sing N N 241 
SER CA  CB   sing N N 242 
SER CA  HA   sing N N 243 
SER C   O    doub N N 244 
SER C   OXT  sing N N 245 
SER CB  OG   sing N N 246 
SER CB  HB2  sing N N 247 
SER CB  HB3  sing N N 248 
SER OG  HG   sing N N 249 
SER OXT HXT  sing N N 250 
THR N   CA   sing N N 251 
THR N   H    sing N N 252 
THR N   H2   sing N N 253 
THR CA  C    sing N N 254 
THR CA  CB   sing N N 255 
THR CA  HA   sing N N 256 
THR C   O    doub N N 257 
THR C   OXT  sing N N 258 
THR CB  OG1  sing N N 259 
THR CB  CG2  sing N N 260 
THR CB  HB   sing N N 261 
THR OG1 HG1  sing N N 262 
THR CG2 HG21 sing N N 263 
THR CG2 HG22 sing N N 264 
THR CG2 HG23 sing N N 265 
THR OXT HXT  sing N N 266 
TRP N   CA   sing N N 267 
TRP N   H    sing N N 268 
TRP N   H2   sing N N 269 
TRP CA  C    sing N N 270 
TRP CA  CB   sing N N 271 
TRP CA  HA   sing N N 272 
TRP C   O    doub N N 273 
TRP C   OXT  sing N N 274 
TRP CB  CG   sing N N 275 
TRP CB  HB2  sing N N 276 
TRP CB  HB3  sing N N 277 
TRP CG  CD1  doub Y N 278 
TRP CG  CD2  sing Y N 279 
TRP CD1 NE1  sing Y N 280 
TRP CD1 HD1  sing N N 281 
TRP CD2 CE2  doub Y N 282 
TRP CD2 CE3  sing Y N 283 
TRP NE1 CE2  sing Y N 284 
TRP NE1 HE1  sing N N 285 
TRP CE2 CZ2  sing Y N 286 
TRP CE3 CZ3  doub Y N 287 
TRP CE3 HE3  sing N N 288 
TRP CZ2 CH2  doub Y N 289 
TRP CZ2 HZ2  sing N N 290 
TRP CZ3 CH2  sing Y N 291 
TRP CZ3 HZ3  sing N N 292 
TRP CH2 HH2  sing N N 293 
TRP OXT HXT  sing N N 294 
VAL N   CA   sing N N 295 
VAL N   H    sing N N 296 
VAL N   H2   sing N N 297 
VAL CA  C    sing N N 298 
VAL CA  CB   sing N N 299 
VAL CA  HA   sing N N 300 
VAL C   O    doub N N 301 
VAL C   OXT  sing N N 302 
VAL CB  CG1  sing N N 303 
VAL CB  CG2  sing N N 304 
VAL CB  HB   sing N N 305 
VAL CG1 HG11 sing N N 306 
VAL CG1 HG12 sing N N 307 
VAL CG1 HG13 sing N N 308 
VAL CG2 HG21 sing N N 309 
VAL CG2 HG22 sing N N 310 
VAL CG2 HG23 sing N N 311 
VAL OXT HXT  sing N N 312 
# 
_pdbx_nmr_spectrometer.spectrometer_id   1 
_pdbx_nmr_spectrometer.type              ? 
_pdbx_nmr_spectrometer.manufacturer      Varian 
_pdbx_nmr_spectrometer.model             UNITYPLUS 
_pdbx_nmr_spectrometer.field_strength    500 
# 
_atom_sites.entry_id                    1R7G 
_atom_sites.fract_transf_matrix[1][1]   1.000000 
_atom_sites.fract_transf_matrix[1][2]   0.000000 
_atom_sites.fract_transf_matrix[1][3]   0.000000 
_atom_sites.fract_transf_matrix[2][1]   0.000000 
_atom_sites.fract_transf_matrix[2][2]   1.000000 
_atom_sites.fract_transf_matrix[2][3]   0.000000 
_atom_sites.fract_transf_matrix[3][1]   0.000000 
_atom_sites.fract_transf_matrix[3][2]   0.000000 
_atom_sites.fract_transf_matrix[3][3]   1.000000 
_atom_sites.fract_transf_vector[1]      0.00000 
_atom_sites.fract_transf_vector[2]      0.00000 
_atom_sites.fract_transf_vector[3]      0.00000 
# 
loop_
_atom_type.symbol 
C 
H 
N 
O 
S 
# 
loop_
_atom_site.group_PDB 
_atom_site.id 
_atom_site.type_symbol 
_atom_site.label_atom_id 
_atom_site.label_alt_id 
_atom_site.label_comp_id 
_atom_site.label_asym_id 
_atom_site.label_entity_id 
_atom_site.label_seq_id 
_atom_site.pdbx_PDB_ins_code 
_atom_site.Cartn_x 
_atom_site.Cartn_y 
_atom_site.Cartn_z 
_atom_site.occupancy 
_atom_site.B_iso_or_equiv 
_atom_site.pdbx_formal_charge 
_atom_site.auth_seq_id 
_atom_site.auth_comp_id 
_atom_site.auth_asym_id 
_atom_site.auth_atom_id 
_atom_site.pdbx_PDB_model_num 
ATOM 1   N N    . SER A 1 1  ? -4.017  22.937  3.902   1.00 7.82 ? 1  SER A N    1 
ATOM 2   C CA   . SER A 1 1  ? -3.182  23.527  2.809   1.00 7.25 ? 1  SER A CA   1 
ATOM 3   C C    . SER A 1 1  ? -1.762  22.949  2.849   1.00 6.62 ? 1  SER A C    1 
ATOM 4   O O    . SER A 1 1  ? -1.361  22.328  3.817   1.00 6.87 ? 1  SER A O    1 
ATOM 5   C CB   . SER A 1 1  ? -3.157  25.031  3.092   1.00 7.70 ? 1  SER A CB   1 
ATOM 6   O OG   . SER A 1 1  ? -4.482  25.543  3.025   1.00 7.90 ? 1  SER A OG   1 
ATOM 7   H H1   . SER A 1 1  ? -4.177  21.928  3.710   1.00 8.12 ? 1  SER A H1   1 
ATOM 8   H H2   . SER A 1 1  ? -4.933  23.431  3.945   1.00 7.83 ? 1  SER A H2   1 
ATOM 9   H H3   . SER A 1 1  ? -3.524  23.041  4.811   1.00 8.18 ? 1  SER A H3   1 
ATOM 10  H HA   . SER A 1 1  ? -3.637  23.342  1.849   1.00 7.35 ? 1  SER A HA   1 
ATOM 11  H HB2  . SER A 1 1  ? -2.757  25.208  4.077   1.00 7.90 ? 1  SER A HB2  1 
ATOM 12  H HB3  . SER A 1 1  ? -2.532  25.522  2.358   1.00 7.98 ? 1  SER A HB3  1 
ATOM 13  H HG   . SER A 1 1  ? -4.429  26.481  2.827   1.00 8.25 ? 1  SER A HG   1 
ATOM 14  N N    . GLY A 1 2  ? -0.998  23.148  1.800   1.00 6.11 ? 2  GLY A N    1 
ATOM 15  C CA   . GLY A 1 2  ? 0.397   22.613  1.768   1.00 5.89 ? 2  GLY A CA   1 
ATOM 16  C C    . GLY A 1 2  ? 0.364   21.104  1.512   1.00 5.20 ? 2  GLY A C    1 
ATOM 17  O O    . GLY A 1 2  ? -0.504  20.603  0.821   1.00 5.38 ? 2  GLY A O    1 
ATOM 18  H H    . GLY A 1 2  ? -1.344  23.650  1.033   1.00 6.14 ? 2  GLY A H    1 
ATOM 19  H HA2  . GLY A 1 2  ? 0.950   23.102  0.979   1.00 6.34 ? 2  GLY A HA2  1 
ATOM 20  H HA3  . GLY A 1 2  ? 0.878   22.804  2.716   1.00 6.14 ? 2  GLY A HA3  1 
ATOM 21  N N    . SER A 1 3  ? 1.302   20.376  2.063   1.00 4.80 ? 3  SER A N    1 
ATOM 22  C CA   . SER A 1 3  ? 1.325   18.897  1.854   1.00 4.50 ? 3  SER A CA   1 
ATOM 23  C C    . SER A 1 3  ? 1.323   18.160  3.201   1.00 3.74 ? 3  SER A C    1 
ATOM 24  O O    . SER A 1 3  ? 1.953   17.130  3.352   1.00 3.92 ? 3  SER A O    1 
ATOM 25  C CB   . SER A 1 3  ? 2.618   18.622  1.084   1.00 4.95 ? 3  SER A CB   1 
ATOM 26  O OG   . SER A 1 3  ? 2.366   18.759  -0.309  1.00 5.65 ? 3  SER A OG   1 
ATOM 27  H H    . SER A 1 3  ? 1.992   20.800  2.617   1.00 5.00 ? 3  SER A H    1 
ATOM 28  H HA   . SER A 1 3  ? 0.477   18.589  1.263   1.00 4.98 ? 3  SER A HA   1 
ATOM 29  H HB2  . SER A 1 3  ? 3.375   19.331  1.382   1.00 5.19 ? 3  SER A HB2  1 
ATOM 30  H HB3  . SER A 1 3  ? 2.962   17.620  1.303   1.00 4.94 ? 3  SER A HB3  1 
ATOM 31  H HG   . SER A 1 3  ? 3.072   19.289  -0.686  1.00 5.95 ? 3  SER A HG   1 
ATOM 32  N N    . TRP A 1 4  ? 0.606   18.672  4.175   1.00 3.37 ? 4  TRP A N    1 
ATOM 33  C CA   . TRP A 1 4  ? 0.551   17.989  5.507   1.00 3.02 ? 4  TRP A CA   1 
ATOM 34  C C    . TRP A 1 4  ? -0.184  16.651  5.368   1.00 2.90 ? 4  TRP A C    1 
ATOM 35  O O    . TRP A 1 4  ? 0.248   15.639  5.887   1.00 3.30 ? 4  TRP A O    1 
ATOM 36  C CB   . TRP A 1 4  ? -0.225  18.940  6.424   1.00 3.62 ? 4  TRP A CB   1 
ATOM 37  C CG   . TRP A 1 4  ? 0.208   18.730  7.841   1.00 4.24 ? 4  TRP A CG   1 
ATOM 38  C CD1  . TRP A 1 4  ? 1.139   19.472  8.486   1.00 4.93 ? 4  TRP A CD1  1 
ATOM 39  C CD2  . TRP A 1 4  ? -0.251  17.730  8.796   1.00 4.67 ? 4  TRP A CD2  1 
ATOM 40  N NE1  . TRP A 1 4  ? 1.280   18.989  9.774   1.00 5.75 ? 4  TRP A NE1  1 
ATOM 41  C CE2  . TRP A 1 4  ? 0.445   17.917  10.014  1.00 5.65 ? 4  TRP A CE2  1 
ATOM 42  C CE3  . TRP A 1 4  ? -1.195  16.688  8.725   1.00 4.54 ? 4  TRP A CE3  1 
ATOM 43  C CZ2  . TRP A 1 4  ? 0.213   17.100  11.121  1.00 6.46 ? 4  TRP A CZ2  1 
ATOM 44  C CZ3  . TRP A 1 4  ? -1.429  15.865  9.838   1.00 5.36 ? 4  TRP A CZ3  1 
ATOM 45  C CH2  . TRP A 1 4  ? -0.727  16.070  11.033  1.00 6.30 ? 4  TRP A CH2  1 
ATOM 46  H H    . TRP A 1 4  ? 0.096   19.497  4.027   1.00 3.71 ? 4  TRP A H    1 
ATOM 47  H HA   . TRP A 1 4  ? 1.547   17.833  5.891   1.00 3.19 ? 4  TRP A HA   1 
ATOM 48  H HB2  . TRP A 1 4  ? -0.028  19.961  6.135   1.00 3.89 ? 4  TRP A HB2  1 
ATOM 49  H HB3  . TRP A 1 4  ? -1.283  18.740  6.339   1.00 3.93 ? 4  TRP A HB3  1 
ATOM 50  H HD1  . TRP A 1 4  ? 1.682   20.304  8.062   1.00 5.01 ? 4  TRP A HD1  1 
ATOM 51  H HE1  . TRP A 1 4  ? 1.892   19.351  10.449  1.00 6.45 ? 4  TRP A HE1  1 
ATOM 52  H HE3  . TRP A 1 4  ? -1.740  16.522  7.809   1.00 4.01 ? 4  TRP A HE3  1 
ATOM 53  H HZ2  . TRP A 1 4  ? 0.757   17.262  12.040  1.00 7.30 ? 4  TRP A HZ2  1 
ATOM 54  H HZ3  . TRP A 1 4  ? -2.156  15.068  9.772   1.00 5.41 ? 4  TRP A HZ3  1 
ATOM 55  H HH2  . TRP A 1 4  ? -0.912  15.433  11.885  1.00 7.02 ? 4  TRP A HH2  1 
ATOM 56  N N    . LEU A 1 5  ? -1.284  16.639  4.652   1.00 2.99 ? 5  LEU A N    1 
ATOM 57  C CA   . LEU A 1 5  ? -2.041  15.365  4.455   1.00 3.42 ? 5  LEU A CA   1 
ATOM 58  C C    . LEU A 1 5  ? -1.334  14.489  3.405   1.00 3.24 ? 5  LEU A C    1 
ATOM 59  O O    . LEU A 1 5  ? -1.514  13.289  3.372   1.00 3.25 ? 5  LEU A O    1 
ATOM 60  C CB   . LEU A 1 5  ? -3.443  15.783  3.980   1.00 4.39 ? 5  LEU A CB   1 
ATOM 61  C CG   . LEU A 1 5  ? -3.384  16.343  2.551   1.00 5.13 ? 5  LEU A CG   1 
ATOM 62  C CD1  . LEU A 1 5  ? -3.852  15.273  1.561   1.00 5.64 ? 5  LEU A CD1  1 
ATOM 63  C CD2  . LEU A 1 5  ? -4.300  17.566  2.444   1.00 5.58 ? 5  LEU A CD2  1 
ATOM 64  H H    . LEU A 1 5  ? -1.602  17.467  4.234   1.00 3.19 ? 5  LEU A H    1 
ATOM 65  H HA   . LEU A 1 5  ? -2.117  14.831  5.390   1.00 3.66 ? 5  LEU A HA   1 
ATOM 66  H HB2  . LEU A 1 5  ? -4.096  14.923  4.001   1.00 4.70 ? 5  LEU A HB2  1 
ATOM 67  H HB3  . LEU A 1 5  ? -3.831  16.541  4.644   1.00 4.70 ? 5  LEU A HB3  1 
ATOM 68  H HG   . LEU A 1 5  ? -2.370  16.629  2.316   1.00 5.44 ? 5  LEU A HG   1 
ATOM 69  H HD11 . LEU A 1 5  ? -4.905  15.407  1.355   1.00 5.86 ? 5  LEU A HD11 1 
ATOM 70  H HD12 . LEU A 1 5  ? -3.690  14.292  1.983   1.00 5.75 ? 5  LEU A HD12 1 
ATOM 71  H HD13 . LEU A 1 5  ? -3.292  15.365  0.641   1.00 6.05 ? 5  LEU A HD13 1 
ATOM 72  H HD21 . LEU A 1 5  ? -4.749  17.595  1.462   1.00 5.89 ? 5  LEU A HD21 1 
ATOM 73  H HD22 . LEU A 1 5  ? -3.721  18.464  2.602   1.00 5.86 ? 5  LEU A HD22 1 
ATOM 74  H HD23 . LEU A 1 5  ? -5.076  17.503  3.192   1.00 5.72 ? 5  LEU A HD23 1 
ATOM 75  N N    . ARG A 1 6  ? -0.522  15.082  2.557   1.00 3.48 ? 6  ARG A N    1 
ATOM 76  C CA   . ARG A 1 6  ? 0.206   14.283  1.523   1.00 3.85 ? 6  ARG A CA   1 
ATOM 77  C C    . ARG A 1 6  ? 1.466   13.660  2.138   1.00 3.35 ? 6  ARG A C    1 
ATOM 78  O O    . ARG A 1 6  ? 1.780   12.511  1.895   1.00 3.54 ? 6  ARG A O    1 
ATOM 79  C CB   . ARG A 1 6  ? 0.583   15.288  0.429   1.00 4.76 ? 6  ARG A CB   1 
ATOM 80  C CG   . ARG A 1 6  ? -0.621  15.534  -0.484  1.00 5.63 ? 6  ARG A CG   1 
ATOM 81  C CD   . ARG A 1 6  ? -0.158  16.223  -1.771  1.00 6.45 ? 6  ARG A CD   1 
ATOM 82  N NE   . ARG A 1 6  ? 0.041   17.654  -1.398  1.00 7.10 ? 6  ARG A NE   1 
ATOM 83  C CZ   . ARG A 1 6  ? -0.787  18.566  -1.833  1.00 7.97 ? 6  ARG A CZ   1 
ATOM 84  N NH1  . ARG A 1 6  ? -2.050  18.520  -1.496  1.00 8.59 ? 6  ARG A NH1  1 
ATOM 85  N NH2  . ARG A 1 6  ? -0.350  19.526  -2.603  1.00 8.45 ? 6  ARG A NH2  1 
ATOM 86  H H    . ARG A 1 6  ? -0.385  16.050  2.607   1.00 3.66 ? 6  ARG A H    1 
ATOM 87  H HA   . ARG A 1 6  ? -0.435  13.516  1.117   1.00 4.15 ? 6  ARG A HA   1 
ATOM 88  H HB2  . ARG A 1 6  ? 0.885   16.220  0.886   1.00 4.96 ? 6  ARG A HB2  1 
ATOM 89  H HB3  . ARG A 1 6  ? 1.400   14.892  -0.156  1.00 4.91 ? 6  ARG A HB3  1 
ATOM 90  H HG2  . ARG A 1 6  ? -1.086  14.588  -0.729  1.00 5.82 ? 6  ARG A HG2  1 
ATOM 91  H HG3  . ARG A 1 6  ? -1.335  16.165  0.025   1.00 5.82 ? 6  ARG A HG3  1 
ATOM 92  H HD2  . ARG A 1 6  ? 0.772   15.790  -2.115  1.00 6.68 ? 6  ARG A HD2  1 
ATOM 93  H HD3  . ARG A 1 6  ? -0.916  16.142  -2.535  1.00 6.66 ? 6  ARG A HD3  1 
ATOM 94  H HE   . ARG A 1 6  ? 0.799   17.911  -0.829  1.00 7.05 ? 6  ARG A HE   1 
ATOM 95  H HH11 . ARG A 1 6  ? -2.383  17.784  -0.903  1.00 8.43 ? 6  ARG A HH11 1 
ATOM 96  H HH12 . ARG A 1 6  ? -2.685  19.216  -1.832  1.00 9.35 ? 6  ARG A HH12 1 
ATOM 97  H HH21 . ARG A 1 6  ? 0.617   19.562  -2.859  1.00 8.18 ? 6  ARG A HH21 1 
ATOM 98  H HH22 . ARG A 1 6  ? -0.981  20.225  -2.941  1.00 9.22 ? 6  ARG A HH22 1 
ATOM 99  N N    . ASP A 1 7  ? 2.182   14.418  2.938   1.00 3.05 ? 7  ASP A N    1 
ATOM 100 C CA   . ASP A 1 7  ? 3.423   13.889  3.585   1.00 3.22 ? 7  ASP A CA   1 
ATOM 101 C C    . ASP A 1 7  ? 3.095   12.661  4.445   1.00 2.62 ? 7  ASP A C    1 
ATOM 102 O O    . ASP A 1 7  ? 3.708   11.620  4.312   1.00 3.04 ? 7  ASP A O    1 
ATOM 103 C CB   . ASP A 1 7  ? 3.930   15.041  4.459   1.00 3.63 ? 7  ASP A CB   1 
ATOM 104 C CG   . ASP A 1 7  ? 5.316   14.704  5.009   1.00 4.51 ? 7  ASP A CG   1 
ATOM 105 O OD1  . ASP A 1 7  ? 6.263   14.740  4.241   1.00 5.18 ? 7  ASP A OD1  1 
ATOM 106 O OD2  . ASP A 1 7  ? 5.406   14.419  6.192   1.00 4.81 ? 7  ASP A OD2  1 
ATOM 107 H H    . ASP A 1 7  ? 1.899   15.340  3.114   1.00 3.01 ? 7  ASP A H    1 
ATOM 108 H HA   . ASP A 1 7  ? 4.161   13.640  2.839   1.00 3.85 ? 7  ASP A HA   1 
ATOM 109 H HB2  . ASP A 1 7  ? 3.989   15.942  3.866   1.00 3.92 ? 7  ASP A HB2  1 
ATOM 110 H HB3  . ASP A 1 7  ? 3.247   15.196  5.280   1.00 3.31 ? 7  ASP A HB3  1 
ATOM 111 N N    . ILE A 1 8  ? 2.123   12.778  5.321   1.00 2.03 ? 8  ILE A N    1 
ATOM 112 C CA   . ILE A 1 8  ? 1.744   11.617  6.187   1.00 2.09 ? 8  ILE A CA   1 
ATOM 113 C C    . ILE A 1 8  ? 1.251   10.449  5.317   1.00 1.80 ? 8  ILE A C    1 
ATOM 114 O O    . ILE A 1 8  ? 1.444   9.295   5.651   1.00 2.06 ? 8  ILE A O    1 
ATOM 115 C CB   . ILE A 1 8  ? 0.632   12.143  7.112   1.00 2.45 ? 8  ILE A CB   1 
ATOM 116 C CG1  . ILE A 1 8  ? 0.384   11.132  8.236   1.00 3.18 ? 8  ILE A CG1  1 
ATOM 117 C CG2  . ILE A 1 8  ? -0.666  12.355  6.324   1.00 2.83 ? 8  ILE A CG2  1 
ATOM 118 C CD1  . ILE A 1 8  ? -0.118  11.867  9.481   1.00 3.85 ? 8  ILE A CD1  1 
ATOM 119 H H    . ILE A 1 8  ? 1.642   13.628  5.404   1.00 1.98 ? 8  ILE A H    1 
ATOM 120 H HA   . ILE A 1 8  ? 2.592   11.306  6.777   1.00 2.66 ? 8  ILE A HA   1 
ATOM 121 H HB   . ILE A 1 8  ? 0.944   13.085  7.540   1.00 2.78 ? 8  ILE A HB   1 
ATOM 122 H HG12 . ILE A 1 8  ? -0.356  10.413  7.917   1.00 3.56 ? 8  ILE A HG12 1 
ATOM 123 H HG13 . ILE A 1 8  ? 1.306   10.621  8.472   1.00 3.48 ? 8  ILE A HG13 1 
ATOM 124 H HG21 . ILE A 1 8  ? -1.374  12.893  6.937   1.00 3.15 ? 8  ILE A HG21 1 
ATOM 125 H HG22 . ILE A 1 8  ? -1.081  11.397  6.050   1.00 3.35 ? 8  ILE A HG22 1 
ATOM 126 H HG23 . ILE A 1 8  ? -0.456  12.926  5.432   1.00 3.03 ? 8  ILE A HG23 1 
ATOM 127 H HD11 . ILE A 1 8  ? -0.028  11.221  10.341  1.00 4.12 ? 8  ILE A HD11 1 
ATOM 128 H HD12 . ILE A 1 8  ? -1.155  12.140  9.344   1.00 4.25 ? 8  ILE A HD12 1 
ATOM 129 H HD13 . ILE A 1 8  ? 0.471   12.759  9.636   1.00 4.18 ? 8  ILE A HD13 1 
ATOM 130 N N    . TRP A 1 9  ? 0.632   10.743  4.195   1.00 1.83 ? 9  TRP A N    1 
ATOM 131 C CA   . TRP A 1 9  ? 0.147   9.654   3.295   1.00 2.18 ? 9  TRP A CA   1 
ATOM 132 C C    . TRP A 1 9  ? 1.342   8.990   2.599   1.00 2.17 ? 9  TRP A C    1 
ATOM 133 O O    . TRP A 1 9  ? 1.360   7.795   2.393   1.00 2.23 ? 9  TRP A O    1 
ATOM 134 C CB   . TRP A 1 9  ? -0.762  10.344  2.273   1.00 3.07 ? 9  TRP A CB   1 
ATOM 135 C CG   . TRP A 1 9  ? -1.353  9.317   1.357   1.00 3.79 ? 9  TRP A CG   1 
ATOM 136 C CD1  . TRP A 1 9  ? -2.522  8.670   1.567   1.00 3.85 ? 9  TRP A CD1  1 
ATOM 137 C CD2  . TRP A 1 9  ? -0.825  8.811   0.097   1.00 4.78 ? 9  TRP A CD2  1 
ATOM 138 N NE1  . TRP A 1 9  ? -2.744  7.799   0.515   1.00 4.65 ? 9  TRP A NE1  1 
ATOM 139 C CE2  . TRP A 1 9  ? -1.727  7.851   -0.416  1.00 5.25 ? 9  TRP A CE2  1 
ATOM 140 C CE3  . TRP A 1 9  ? 0.338   9.091   -0.644  1.00 5.50 ? 9  TRP A CE3  1 
ATOM 141 C CZ2  . TRP A 1 9  ? -1.486  7.190   -1.622  1.00 6.27 ? 9  TRP A CZ2  1 
ATOM 142 C CZ3  . TRP A 1 9  ? 0.584   8.428   -1.857  1.00 6.60 ? 9  TRP A CZ3  1 
ATOM 143 C CH2  . TRP A 1 9  ? -0.326  7.480   -2.345  1.00 6.95 ? 9  TRP A CH2  1 
ATOM 144 H H    . TRP A 1 9  ? 0.501   11.680  3.940   1.00 1.99 ? 9  TRP A H    1 
ATOM 145 H HA   . TRP A 1 9  ? -0.414  8.923   3.857   1.00 2.34 ? 9  TRP A HA   1 
ATOM 146 H HB2  . TRP A 1 9  ? -1.553  10.864  2.789   1.00 3.26 ? 9  TRP A HB2  1 
ATOM 147 H HB3  . TRP A 1 9  ? -0.183  11.050  1.696   1.00 3.31 ? 9  TRP A HB3  1 
ATOM 148 H HD1  . TRP A 1 9  ? -3.174  8.810   2.416   1.00 3.57 ? 9  TRP A HD1  1 
ATOM 149 H HE1  . TRP A 1 9  ? -3.523  7.211   0.424   1.00 4.91 ? 9  TRP A HE1  1 
ATOM 150 H HE3  . TRP A 1 9  ? 1.046   9.820   -0.276  1.00 5.29 ? 9  TRP A HE3  1 
ATOM 151 H HZ2  . TRP A 1 9  ? -2.190  6.461   -1.993  1.00 6.63 ? 9  TRP A HZ2  1 
ATOM 152 H HZ3  . TRP A 1 9  ? 1.480   8.651   -2.418  1.00 7.26 ? 9  TRP A HZ3  1 
ATOM 153 H HH2  . TRP A 1 9  ? -0.131  6.974   -3.279  1.00 7.81 ? 9  TRP A HH2  1 
ATOM 154 N N    . ASP A 1 10 ? 2.344   9.762   2.242   1.00 2.55 ? 10 ASP A N    1 
ATOM 155 C CA   . ASP A 1 10 ? 3.547   9.177   1.568   1.00 3.26 ? 10 ASP A CA   1 
ATOM 156 C C    . ASP A 1 10 ? 4.124   8.042   2.427   1.00 3.12 ? 10 ASP A C    1 
ATOM 157 O O    . ASP A 1 10 ? 4.444   6.977   1.933   1.00 3.52 ? 10 ASP A O    1 
ATOM 158 C CB   . ASP A 1 10 ? 4.544   10.335  1.458   1.00 4.05 ? 10 ASP A CB   1 
ATOM 159 C CG   . ASP A 1 10 ? 5.554   10.040  0.349   1.00 4.85 ? 10 ASP A CG   1 
ATOM 160 O OD1  . ASP A 1 10 ? 5.234   10.299  -0.799  1.00 5.27 ? 10 ASP A OD1  1 
ATOM 161 O OD2  . ASP A 1 10 ? 6.628   9.559   0.665   1.00 5.37 ? 10 ASP A OD2  1 
ATOM 162 H H    . ASP A 1 10 ? 2.306   10.726  2.423   1.00 2.59 ? 10 ASP A H    1 
ATOM 163 H HA   . ASP A 1 10 ? 3.290   8.814   0.585   1.00 3.62 ? 10 ASP A HA   1 
ATOM 164 H HB2  . ASP A 1 10 ? 4.013   11.248  1.230   1.00 4.03 ? 10 ASP A HB2  1 
ATOM 165 H HB3  . ASP A 1 10 ? 5.068   10.450  2.396   1.00 4.40 ? 10 ASP A HB3  1 
ATOM 166 N N    . TRP A 1 11 ? 4.237   8.265   3.716   1.00 2.87 ? 11 TRP A N    1 
ATOM 167 C CA   . TRP A 1 11 ? 4.769   7.204   4.625   1.00 3.38 ? 11 TRP A CA   1 
ATOM 168 C C    . TRP A 1 11 ? 3.779   6.031   4.692   1.00 3.04 ? 11 TRP A C    1 
ATOM 169 O O    . TRP A 1 11 ? 4.164   4.878   4.606   1.00 3.56 ? 11 TRP A O    1 
ATOM 170 C CB   . TRP A 1 11 ? 4.907   7.889   5.994   1.00 3.58 ? 11 TRP A CB   1 
ATOM 171 C CG   . TRP A 1 11 ? 5.147   6.862   7.057   1.00 3.77 ? 11 TRP A CG   1 
ATOM 172 C CD1  . TRP A 1 11 ? 6.361   6.389   7.422   1.00 4.04 ? 11 TRP A CD1  1 
ATOM 173 C CD2  . TRP A 1 11 ? 4.172   6.178   7.897   1.00 4.32 ? 11 TRP A CD2  1 
ATOM 174 N NE1  . TRP A 1 11 ? 6.191   5.456   8.430   1.00 4.56 ? 11 TRP A NE1  1 
ATOM 175 C CE2  . TRP A 1 11 ? 4.860   5.291   8.756   1.00 4.74 ? 11 TRP A CE2  1 
ATOM 176 C CE3  . TRP A 1 11 ? 2.769   6.240   7.993   1.00 4.93 ? 11 TRP A CE3  1 
ATOM 177 C CZ2  . TRP A 1 11 ? 4.183   4.493   9.679   1.00 5.55 ? 11 TRP A CZ2  1 
ATOM 178 C CZ3  . TRP A 1 11 ? 2.084   5.439   8.920   1.00 5.82 ? 11 TRP A CZ3  1 
ATOM 179 C CH2  . TRP A 1 11 ? 2.790   4.567   9.761   1.00 6.06 ? 11 TRP A CH2  1 
ATOM 180 H H    . TRP A 1 11 ? 3.957   9.129   4.086   1.00 2.59 ? 11 TRP A H    1 
ATOM 181 H HA   . TRP A 1 11 ? 5.734   6.864   4.282   1.00 4.12 ? 11 TRP A HA   1 
ATOM 182 H HB2  . TRP A 1 11 ? 5.739   8.577   5.968   1.00 4.32 ? 11 TRP A HB2  1 
ATOM 183 H HB3  . TRP A 1 11 ? 4.000   8.431   6.217   1.00 3.18 ? 11 TRP A HB3  1 
ATOM 184 H HD1  . TRP A 1 11 ? 7.306   6.689   6.995   1.00 4.22 ? 11 TRP A HD1  1 
ATOM 185 H HE1  . TRP A 1 11 ? 6.915   4.963   8.870   1.00 5.05 ? 11 TRP A HE1  1 
ATOM 186 H HE3  . TRP A 1 11 ? 2.216   6.909   7.350   1.00 4.98 ? 11 TRP A HE3  1 
ATOM 187 H HZ2  . TRP A 1 11 ? 4.731   3.824   10.325  1.00 6.02 ? 11 TRP A HZ2  1 
ATOM 188 H HZ3  . TRP A 1 11 ? 1.007   5.494   8.985   1.00 6.52 ? 11 TRP A HZ3  1 
ATOM 189 H HH2  . TRP A 1 11 ? 2.257   3.953   10.472  1.00 6.85 ? 11 TRP A HH2  1 
ATOM 190 N N    . ILE A 1 12 ? 2.505   6.319   4.836   1.00 2.37 ? 12 ILE A N    1 
ATOM 191 C CA   . ILE A 1 12 ? 1.486   5.222   4.901   1.00 2.35 ? 12 ILE A CA   1 
ATOM 192 C C    . ILE A 1 12 ? 1.403   4.493   3.546   1.00 2.21 ? 12 ILE A C    1 
ATOM 193 O O    . ILE A 1 12 ? 1.107   3.314   3.489   1.00 2.35 ? 12 ILE A O    1 
ATOM 194 C CB   . ILE A 1 12 ? 0.159   5.921   5.272   1.00 2.56 ? 12 ILE A CB   1 
ATOM 195 C CG1  . ILE A 1 12 ? -0.568  5.093   6.335   1.00 3.31 ? 12 ILE A CG1  1 
ATOM 196 C CG2  . ILE A 1 12 ? -0.748  6.072   4.043   1.00 2.80 ? 12 ILE A CG2  1 
ATOM 197 C CD1  . ILE A 1 12 ? -1.451  6.011   7.185   1.00 3.89 ? 12 ILE A CD1  1 
ATOM 198 H H    . ILE A 1 12 ? 2.220   7.255   4.896   1.00 2.10 ? 12 ILE A H    1 
ATOM 199 H HA   . ILE A 1 12 ? 1.755   4.521   5.677   1.00 2.83 ? 12 ILE A HA   1 
ATOM 200 H HB   . ILE A 1 12 ? 0.376   6.902   5.671   1.00 2.75 ? 12 ILE A HB   1 
ATOM 201 H HG12 . ILE A 1 12 ? -1.183  4.346   5.854   1.00 3.57 ? 12 ILE A HG12 1 
ATOM 202 H HG13 . ILE A 1 12 ? 0.156   4.607   6.972   1.00 3.77 ? 12 ILE A HG13 1 
ATOM 203 H HG21 . ILE A 1 12 ? -1.655  6.586   4.327   1.00 3.01 ? 12 ILE A HG21 1 
ATOM 204 H HG22 . ILE A 1 12 ? -0.997  5.095   3.656   1.00 3.10 ? 12 ILE A HG22 1 
ATOM 205 H HG23 . ILE A 1 12 ? -0.236  6.641   3.283   1.00 3.22 ? 12 ILE A HG23 1 
ATOM 206 H HD11 . ILE A 1 12 ? -2.117  6.567   6.541   1.00 4.19 ? 12 ILE A HD11 1 
ATOM 207 H HD12 . ILE A 1 12 ? -0.829  6.698   7.738   1.00 4.32 ? 12 ILE A HD12 1 
ATOM 208 H HD13 . ILE A 1 12 ? -2.031  5.415   7.873   1.00 4.08 ? 12 ILE A HD13 1 
ATOM 209 N N    . CYS A 1 13 ? 1.676   5.184   2.462   1.00 2.38 ? 13 CYS A N    1 
ATOM 210 C CA   . CYS A 1 13 ? 1.628   4.530   1.117   1.00 3.01 ? 13 CYS A CA   1 
ATOM 211 C C    . CYS A 1 13 ? 2.740   3.480   1.011   1.00 3.54 ? 13 CYS A C    1 
ATOM 212 O O    . CYS A 1 13 ? 2.533   2.397   0.495   1.00 3.94 ? 13 CYS A O    1 
ATOM 213 C CB   . CYS A 1 13 ? 1.856   5.660   0.109   1.00 3.62 ? 13 CYS A CB   1 
ATOM 214 S SG   . CYS A 1 13 ? 1.694   5.012   -1.573  1.00 4.67 ? 13 CYS A SG   1 
ATOM 215 H H    . CYS A 1 13 ? 1.922   6.132   2.536   1.00 2.35 ? 13 CYS A H    1 
ATOM 216 H HA   . CYS A 1 13 ? 0.664   4.076   0.953   1.00 2.98 ? 13 CYS A HA   1 
ATOM 217 H HB2  . CYS A 1 13 ? 1.123   6.437   0.268   1.00 3.43 ? 13 CYS A HB2  1 
ATOM 218 H HB3  . CYS A 1 13 ? 2.847   6.068   0.244   1.00 3.87 ? 13 CYS A HB3  1 
ATOM 219 H HG   . CYS A 1 13 ? 0.782   4.736   -1.697  1.00 4.84 ? 13 CYS A HG   1 
ATOM 220 N N    . GLU A 1 14 ? 3.915   3.789   1.506   1.00 3.80 ? 14 GLU A N    1 
ATOM 221 C CA   . GLU A 1 14 ? 5.042   2.806   1.448   1.00 4.71 ? 14 GLU A CA   1 
ATOM 222 C C    . GLU A 1 14 ? 4.718   1.584   2.314   1.00 4.66 ? 14 GLU A C    1 
ATOM 223 O O    . GLU A 1 14 ? 4.974   0.459   1.930   1.00 5.19 ? 14 GLU A O    1 
ATOM 224 C CB   . GLU A 1 14 ? 6.256   3.548   2.005   1.00 5.16 ? 14 GLU A CB   1 
ATOM 225 C CG   . GLU A 1 14 ? 6.956   4.305   0.872   1.00 6.23 ? 14 GLU A CG   1 
ATOM 226 C CD   . GLU A 1 14 ? 7.714   5.508   1.441   1.00 6.77 ? 14 GLU A CD   1 
ATOM 227 O OE1  . GLU A 1 14 ? 8.429   5.332   2.415   1.00 7.08 ? 14 GLU A OE1  1 
ATOM 228 O OE2  . GLU A 1 14 ? 7.575   6.585   0.887   1.00 7.14 ? 14 GLU A OE2  1 
ATOM 229 H H    . GLU A 1 14 ? 4.053   4.666   1.922   1.00 3.52 ? 14 GLU A H    1 
ATOM 230 H HA   . GLU A 1 14 ? 5.227   2.506   0.428   1.00 5.24 ? 14 GLU A HA   1 
ATOM 231 H HB2  . GLU A 1 14 ? 5.935   4.249   2.762   1.00 4.94 ? 14 GLU A HB2  1 
ATOM 232 H HB3  . GLU A 1 14 ? 6.944   2.839   2.439   1.00 5.14 ? 14 GLU A HB3  1 
ATOM 233 H HG2  . GLU A 1 14 ? 7.651   3.643   0.375   1.00 6.64 ? 14 GLU A HG2  1 
ATOM 234 H HG3  . GLU A 1 14 ? 6.219   4.650   0.162   1.00 6.48 ? 14 GLU A HG3  1 
ATOM 235 N N    . VAL A 1 15 ? 4.145   1.797   3.476   1.00 4.19 ? 15 VAL A N    1 
ATOM 236 C CA   . VAL A 1 15 ? 3.792   0.645   4.365   1.00 4.41 ? 15 VAL A CA   1 
ATOM 237 C C    . VAL A 1 15 ? 2.719   -0.226  3.692   1.00 3.72 ? 15 VAL A C    1 
ATOM 238 O O    . VAL A 1 15 ? 2.697   -1.430  3.855   1.00 3.99 ? 15 VAL A O    1 
ATOM 239 C CB   . VAL A 1 15 ? 3.250   1.276   5.657   1.00 4.59 ? 15 VAL A CB   1 
ATOM 240 C CG1  . VAL A 1 15 ? 2.710   0.179   6.580   1.00 5.05 ? 15 VAL A CG1  1 
ATOM 241 C CG2  . VAL A 1 15 ? 4.376   2.027   6.376   1.00 5.38 ? 15 VAL A CG2  1 
ATOM 242 H H    . VAL A 1 15 ? 3.942   2.714   3.760   1.00 3.83 ? 15 VAL A H    1 
ATOM 243 H HA   . VAL A 1 15 ? 4.670   0.057   4.583   1.00 5.10 ? 15 VAL A HA   1 
ATOM 244 H HB   . VAL A 1 15 ? 2.454   1.965   5.413   1.00 4.03 ? 15 VAL A HB   1 
ATOM 245 H HG11 . VAL A 1 15 ? 2.685   0.543   7.596   1.00 5.13 ? 15 VAL A HG11 1 
ATOM 246 H HG12 . VAL A 1 15 ? 3.352   -0.688  6.523   1.00 5.57 ? 15 VAL A HG12 1 
ATOM 247 H HG13 . VAL A 1 15 ? 1.711   -0.092  6.271   1.00 5.08 ? 15 VAL A HG13 1 
ATOM 248 H HG21 . VAL A 1 15 ? 4.787   2.777   5.719   1.00 5.52 ? 15 VAL A HG21 1 
ATOM 249 H HG22 . VAL A 1 15 ? 5.153   1.329   6.656   1.00 5.86 ? 15 VAL A HG22 1 
ATOM 250 H HG23 . VAL A 1 15 ? 3.982   2.501   7.263   1.00 5.60 ? 15 VAL A HG23 1 
ATOM 251 N N    . LEU A 1 16 ? 1.837   0.377   2.931   1.00 2.95 ? 16 LEU A N    1 
ATOM 252 C CA   . LEU A 1 16 ? 0.769   -0.411  2.239   1.00 2.45 ? 16 LEU A CA   1 
ATOM 253 C C    . LEU A 1 16 ? 1.357   -1.195  1.053   1.00 2.58 ? 16 LEU A C    1 
ATOM 254 O O    . LEU A 1 16 ? 0.821   -2.211  0.653   1.00 2.31 ? 16 LEU A O    1 
ATOM 255 C CB   . LEU A 1 16 ? -0.238  0.633   1.744   1.00 2.84 ? 16 LEU A CB   1 
ATOM 256 C CG   . LEU A 1 16 ? -1.603  -0.029  1.531   1.00 3.30 ? 16 LEU A CG   1 
ATOM 257 C CD1  . LEU A 1 16 ? -2.384  -0.035  2.847   1.00 3.78 ? 16 LEU A CD1  1 
ATOM 258 C CD2  . LEU A 1 16 ? -2.390  0.757   0.477   1.00 4.06 ? 16 LEU A CD2  1 
ATOM 259 H H    . LEU A 1 16 ? 1.880   1.351   2.811   1.00 2.85 ? 16 LEU A H    1 
ATOM 260 H HA   . LEU A 1 16 ? 0.290   -1.083  2.932   1.00 2.34 ? 16 LEU A HA   1 
ATOM 261 H HB2  . LEU A 1 16 ? -0.331  1.420   2.480   1.00 3.07 ? 16 LEU A HB2  1 
ATOM 262 H HB3  . LEU A 1 16 ? 0.106   1.052   0.812   1.00 3.17 ? 16 LEU A HB3  1 
ATOM 263 H HG   . LEU A 1 16 ? -1.462  -1.045  1.193   1.00 3.45 ? 16 LEU A HG   1 
ATOM 264 H HD11 . LEU A 1 16 ? -2.735  0.964   3.062   1.00 4.19 ? 16 LEU A HD11 1 
ATOM 265 H HD12 . LEU A 1 16 ? -1.738  -0.368  3.646   1.00 4.07 ? 16 LEU A HD12 1 
ATOM 266 H HD13 . LEU A 1 16 ? -3.228  -0.703  2.763   1.00 4.03 ? 16 LEU A HD13 1 
ATOM 267 H HD21 . LEU A 1 16 ? -1.888  0.682   -0.476  1.00 4.38 ? 16 LEU A HD21 1 
ATOM 268 H HD22 . LEU A 1 16 ? -2.451  1.794   0.772   1.00 4.42 ? 16 LEU A HD22 1 
ATOM 269 H HD23 . LEU A 1 16 ? -3.386  0.347   0.392   1.00 4.42 ? 16 LEU A HD23 1 
ATOM 270 N N    . SER A 1 17 ? 2.452   -0.728  0.490   1.00 3.34 ? 17 SER A N    1 
ATOM 271 C CA   . SER A 1 17 ? 3.075   -1.445  -0.670  1.00 3.92 ? 17 SER A CA   1 
ATOM 272 C C    . SER A 1 17 ? 3.434   -2.887  -0.284  1.00 3.59 ? 17 SER A C    1 
ATOM 273 O O    . SER A 1 17 ? 3.047   -3.828  -0.955  1.00 3.39 ? 17 SER A O    1 
ATOM 274 C CB   . SER A 1 17 ? 4.339   -0.647  -1.003  1.00 5.14 ? 17 SER A CB   1 
ATOM 275 O OG   . SER A 1 17 ? 4.852   -1.078  -2.259  1.00 5.86 ? 17 SER A OG   1 
ATOM 276 H H    . SER A 1 17 ? 2.861   0.096   0.830   1.00 3.67 ? 17 SER A H    1 
ATOM 277 H HA   . SER A 1 17 ? 2.406   -1.439  -1.516  1.00 3.99 ? 17 SER A HA   1 
ATOM 278 H HB2  . SER A 1 17 ? 4.100   0.403   -1.059  1.00 5.44 ? 17 SER A HB2  1 
ATOM 279 H HB3  . SER A 1 17 ? 5.078   -0.803  -0.228  1.00 5.47 ? 17 SER A HB3  1 
ATOM 280 H HG   . SER A 1 17 ? 5.359   -1.881  -2.113  1.00 6.33 ? 17 SER A HG   1 
ATOM 281 N N    . ASP A 1 18 ? 4.165   -3.067  0.793   1.00 3.85 ? 18 ASP A N    1 
ATOM 282 C CA   . ASP A 1 18 ? 4.542   -4.451  1.226   1.00 4.21 ? 18 ASP A CA   1 
ATOM 283 C C    . ASP A 1 18 ? 3.282   -5.281  1.498   1.00 3.40 ? 18 ASP A C    1 
ATOM 284 O O    . ASP A 1 18 ? 3.216   -6.448  1.161   1.00 3.61 ? 18 ASP A O    1 
ATOM 285 C CB   . ASP A 1 18 ? 5.359   -4.273  2.511   1.00 5.05 ? 18 ASP A CB   1 
ATOM 286 C CG   . ASP A 1 18 ? 6.841   -4.503  2.206   1.00 5.92 ? 18 ASP A CG   1 
ATOM 287 O OD1  . ASP A 1 18 ? 7.261   -5.648  2.233   1.00 6.41 ? 18 ASP A OD1  1 
ATOM 288 O OD2  . ASP A 1 18 ? 7.528   -3.529  1.947   1.00 6.37 ? 18 ASP A OD2  1 
ATOM 289 H H    . ASP A 1 18 ? 4.460   -2.293  1.318   1.00 4.03 ? 18 ASP A H    1 
ATOM 290 H HA   . ASP A 1 18 ? 5.147   -4.928  0.469   1.00 4.72 ? 18 ASP A HA   1 
ATOM 291 H HB2  . ASP A 1 18 ? 5.219   -3.272  2.892   1.00 5.25 ? 18 ASP A HB2  1 
ATOM 292 H HB3  . ASP A 1 18 ? 5.031   -4.989  3.249   1.00 5.10 ? 18 ASP A HB3  1 
ATOM 293 N N    . PHE A 1 19 ? 2.278   -4.679  2.093   1.00 2.74 ? 19 PHE A N    1 
ATOM 294 C CA   . PHE A 1 19 ? 1.011   -5.424  2.374   1.00 2.60 ? 19 PHE A CA   1 
ATOM 295 C C    . PHE A 1 19 ? 0.404   -5.934  1.060   1.00 1.91 ? 19 PHE A C    1 
ATOM 296 O O    . PHE A 1 19 ? -0.063  -7.055  0.979   1.00 2.32 ? 19 PHE A O    1 
ATOM 297 C CB   . PHE A 1 19 ? 0.080   -4.403  3.038   1.00 2.66 ? 19 PHE A CB   1 
ATOM 298 C CG   . PHE A 1 19 ? 0.222   -4.488  4.541   1.00 3.65 ? 19 PHE A CG   1 
ATOM 299 C CD1  . PHE A 1 19 ? 1.354   -3.957  5.171   1.00 4.41 ? 19 PHE A CD1  1 
ATOM 300 C CD2  . PHE A 1 19 ? -0.782  -5.095  5.304   1.00 4.26 ? 19 PHE A CD2  1 
ATOM 301 C CE1  . PHE A 1 19 ? 1.483   -4.034  6.562   1.00 5.51 ? 19 PHE A CE1  1 
ATOM 302 C CE2  . PHE A 1 19 ? -0.654  -5.172  6.696   1.00 5.36 ? 19 PHE A CE2  1 
ATOM 303 C CZ   . PHE A 1 19 ? 0.479   -4.641  7.325   1.00 5.90 ? 19 PHE A CZ   1 
ATOM 304 H H    . PHE A 1 19 ? 2.355   -3.734  2.344   1.00 2.65 ? 19 PHE A H    1 
ATOM 305 H HA   . PHE A 1 19 ? 1.199   -6.246  3.046   1.00 3.40 ? 19 PHE A HA   1 
ATOM 306 H HB2  . PHE A 1 19 ? 0.341   -3.409  2.708   1.00 2.59 ? 19 PHE A HB2  1 
ATOM 307 H HB3  . PHE A 1 19 ? -0.942  -4.617  2.762   1.00 2.61 ? 19 PHE A HB3  1 
ATOM 308 H HD1  . PHE A 1 19 ? 2.130   -3.488  4.583   1.00 4.41 ? 19 PHE A HD1  1 
ATOM 309 H HD2  . PHE A 1 19 ? -1.655  -5.505  4.819   1.00 4.17 ? 19 PHE A HD2  1 
ATOM 310 H HE1  . PHE A 1 19 ? 2.357   -3.625  7.048   1.00 6.25 ? 19 PHE A HE1  1 
ATOM 311 H HE2  . PHE A 1 19 ? -1.428  -5.642  7.285   1.00 5.99 ? 19 PHE A HE2  1 
ATOM 312 H HZ   . PHE A 1 19 ? 0.578   -4.702  8.399   1.00 6.82 ? 19 PHE A HZ   1 
ATOM 313 N N    . LYS A 1 20 ? 0.419   -5.123  0.026   1.00 1.40 ? 20 LYS A N    1 
ATOM 314 C CA   . LYS A 1 20 ? -0.145  -5.566  -1.286  1.00 1.49 ? 20 LYS A CA   1 
ATOM 315 C C    . LYS A 1 20 ? 0.720   -6.689  -1.878  1.00 1.48 ? 20 LYS A C    1 
ATOM 316 O O    . LYS A 1 20 ? 0.208   -7.621  -2.468  1.00 1.43 ? 20 LYS A O    1 
ATOM 317 C CB   . LYS A 1 20 ? -0.119  -4.323  -2.184  1.00 2.41 ? 20 LYS A CB   1 
ATOM 318 C CG   . LYS A 1 20 ? -0.656  -4.675  -3.578  1.00 3.25 ? 20 LYS A CG   1 
ATOM 319 C CD   . LYS A 1 20 ? -2.162  -4.379  -3.654  1.00 4.04 ? 20 LYS A CD   1 
ATOM 320 C CE   . LYS A 1 20 ? -2.964  -5.508  -2.984  1.00 4.81 ? 20 LYS A CE   1 
ATOM 321 N NZ   . LYS A 1 20 ? -2.608  -6.759  -3.722  1.00 5.49 ? 20 LYS A NZ   1 
ATOM 322 H H    . LYS A 1 20 ? 0.810   -4.226  0.114   1.00 1.61 ? 20 LYS A H    1 
ATOM 323 H HA   . LYS A 1 20 ? -1.160  -5.906  -1.157  1.00 1.84 ? 20 LYS A HA   1 
ATOM 324 H HB2  . LYS A 1 20 ? -0.734  -3.550  -1.746  1.00 2.59 ? 20 LYS A HB2  1 
ATOM 325 H HB3  . LYS A 1 20 ? 0.897   -3.966  -2.273  1.00 2.75 ? 20 LYS A HB3  1 
ATOM 326 H HG2  . LYS A 1 20 ? -0.139  -4.083  -4.320  1.00 3.53 ? 20 LYS A HG2  1 
ATOM 327 H HG3  . LYS A 1 20 ? -0.486  -5.722  -3.777  1.00 3.55 ? 20 LYS A HG3  1 
ATOM 328 H HD2  . LYS A 1 20 ? -2.367  -3.447  -3.148  1.00 4.28 ? 20 LYS A HD2  1 
ATOM 329 H HD3  . LYS A 1 20 ? -2.459  -4.298  -4.689  1.00 4.33 ? 20 LYS A HD3  1 
ATOM 330 H HE2  . LYS A 1 20 ? -2.688  -5.594  -1.942  1.00 5.17 ? 20 LYS A HE2  1 
ATOM 331 H HE3  . LYS A 1 20 ? -4.022  -5.317  -3.076  1.00 4.93 ? 20 LYS A HE3  1 
ATOM 332 H HZ1  . LYS A 1 20 ? -1.759  -7.183  -3.296  1.00 5.99 ? 20 LYS A HZ1  1 
ATOM 333 H HZ2  . LYS A 1 20 ? -2.421  -6.536  -4.722  1.00 5.60 ? 20 LYS A HZ2  1 
ATOM 334 H HZ3  . LYS A 1 20 ? -3.395  -7.435  -3.662  1.00 5.71 ? 20 LYS A HZ3  1 
ATOM 335 N N    . THR A 1 21 ? 2.022   -6.615  -1.715  1.00 2.18 ? 21 THR A N    1 
ATOM 336 C CA   . THR A 1 21 ? 2.916   -7.690  -2.257  1.00 2.90 ? 21 THR A CA   1 
ATOM 337 C C    . THR A 1 21 ? 2.574   -9.031  -1.594  1.00 2.95 ? 21 THR A C    1 
ATOM 338 O O    . THR A 1 21 ? 2.635   -10.074 -2.217  1.00 3.17 ? 21 THR A O    1 
ATOM 339 C CB   . THR A 1 21 ? 4.343   -7.254  -1.895  1.00 4.09 ? 21 THR A CB   1 
ATOM 340 O OG1  . THR A 1 21 ? 4.626   -6.007  -2.512  1.00 4.54 ? 21 THR A OG1  1 
ATOM 341 C CG2  . THR A 1 21 ? 5.347   -8.302  -2.387  1.00 4.98 ? 21 THR A CG2  1 
ATOM 342 H H    . THR A 1 21 ? 2.411   -5.856  -1.229  1.00 2.47 ? 21 THR A H    1 
ATOM 343 H HA   . THR A 1 21 ? 2.812   -7.761  -3.328  1.00 2.94 ? 21 THR A HA   1 
ATOM 344 H HB   . THR A 1 21 ? 4.429   -7.155  -0.824  1.00 4.37 ? 21 THR A HB   1 
ATOM 345 H HG1  . THR A 1 21 ? 5.073   -5.452  -1.869  1.00 4.91 ? 21 THR A HG1  1 
ATOM 346 H HG21 . THR A 1 21 ? 5.107   -9.262  -1.955  1.00 5.36 ? 21 THR A HG21 1 
ATOM 347 H HG22 . THR A 1 21 ? 6.344   -8.012  -2.089  1.00 5.37 ? 21 THR A HG22 1 
ATOM 348 H HG23 . THR A 1 21 ? 5.299   -8.369  -3.464  1.00 5.24 ? 21 THR A HG23 1 
ATOM 349 N N    . TRP A 1 22 ? 2.200   -9.003  -0.337  1.00 3.17 ? 22 TRP A N    1 
ATOM 350 C CA   . TRP A 1 22 ? 1.834   -10.264 0.373   1.00 4.00 ? 22 TRP A CA   1 
ATOM 351 C C    . TRP A 1 22 ? 0.507   -10.807 -0.182  1.00 3.65 ? 22 TRP A C    1 
ATOM 352 O O    . TRP A 1 22 ? 0.341   -11.999 -0.357  1.00 4.27 ? 22 TRP A O    1 
ATOM 353 C CB   . TRP A 1 22 ? 1.691   -9.859  1.846   1.00 4.51 ? 22 TRP A CB   1 
ATOM 354 C CG   . TRP A 1 22 ? 1.098   -10.989 2.630   1.00 5.37 ? 22 TRP A CG   1 
ATOM 355 C CD1  . TRP A 1 22 ? 1.799   -12.006 3.179   1.00 6.39 ? 22 TRP A CD1  1 
ATOM 356 C CD2  . TRP A 1 22 ? -0.302  -11.233 2.956   1.00 5.58 ? 22 TRP A CD2  1 
ATOM 357 N NE1  . TRP A 1 22 ? 0.921   -12.858 3.821   1.00 7.08 ? 22 TRP A NE1  1 
ATOM 358 C CE2  . TRP A 1 22 ? -0.386  -12.425 3.712   1.00 6.71 ? 22 TRP A CE2  1 
ATOM 359 C CE3  . TRP A 1 22 ? -1.493  -10.541 2.672   1.00 5.15 ? 22 TRP A CE3  1 
ATOM 360 C CZ2  . TRP A 1 22 ? -1.608  -12.914 4.171   1.00 7.39 ? 22 TRP A CZ2  1 
ATOM 361 C CZ3  . TRP A 1 22 ? -2.725  -11.031 3.131   1.00 6.00 ? 22 TRP A CZ3  1 
ATOM 362 C CH2  . TRP A 1 22 ? -2.784  -12.215 3.879   1.00 7.09 ? 22 TRP A CH2  1 
ATOM 363 H H    . TRP A 1 22 ? 2.149   -8.145  0.136   1.00 3.01 ? 22 TRP A H    1 
ATOM 364 H HA   . TRP A 1 22 ? 2.617   -10.998 0.265   1.00 4.72 ? 22 TRP A HA   1 
ATOM 365 H HB2  . TRP A 1 22 ? 2.663   -9.617  2.248   1.00 5.06 ? 22 TRP A HB2  1 
ATOM 366 H HB3  . TRP A 1 22 ? 1.047   -8.995  1.920   1.00 3.89 ? 22 TRP A HB3  1 
ATOM 367 H HD1  . TRP A 1 22 ? 2.871   -12.132 3.125   1.00 6.74 ? 22 TRP A HD1  1 
ATOM 368 H HE1  . TRP A 1 22 ? 1.174   -13.675 4.300   1.00 7.86 ? 22 TRP A HE1  1 
ATOM 369 H HE3  . TRP A 1 22 ? -1.459  -9.627  2.096   1.00 4.32 ? 22 TRP A HE3  1 
ATOM 370 H HZ2  . TRP A 1 22 ? -1.648  -13.827 4.747   1.00 8.27 ? 22 TRP A HZ2  1 
ATOM 371 H HZ3  . TRP A 1 22 ? -3.635  -10.493 2.907   1.00 5.96 ? 22 TRP A HZ3  1 
ATOM 372 H HH2  . TRP A 1 22 ? -3.735  -12.587 4.229   1.00 7.81 ? 22 TRP A HH2  1 
ATOM 373 N N    . LEU A 1 23 ? -0.434  -9.936  -0.460  1.00 2.93 ? 23 LEU A N    1 
ATOM 374 C CA   . LEU A 1 23 ? -1.750  -10.393 -1.006  1.00 3.15 ? 23 LEU A CA   1 
ATOM 375 C C    . LEU A 1 23 ? -1.635  -10.692 -2.508  1.00 2.56 ? 23 LEU A C    1 
ATOM 376 O O    . LEU A 1 23 ? -2.217  -11.637 -3.003  1.00 3.02 ? 23 LEU A O    1 
ATOM 377 C CB   . LEU A 1 23 ? -2.715  -9.227  -0.762  1.00 3.29 ? 23 LEU A CB   1 
ATOM 378 C CG   . LEU A 1 23 ? -4.026  -9.759  -0.175  1.00 4.37 ? 23 LEU A CG   1 
ATOM 379 C CD1  . LEU A 1 23 ? -4.793  -8.610  0.484   1.00 4.90 ? 23 LEU A CD1  1 
ATOM 380 C CD2  . LEU A 1 23 ? -4.879  -10.364 -1.294  1.00 4.91 ? 23 LEU A CD2  1 
ATOM 381 H H    . LEU A 1 23 ? -0.271  -8.981  -0.313  1.00 2.48 ? 23 LEU A H    1 
ATOM 382 H HA   . LEU A 1 23 ? -2.091  -11.268 -0.476  1.00 4.01 ? 23 LEU A HA   1 
ATOM 383 H HB2  . LEU A 1 23 ? -2.268  -8.528  -0.070  1.00 3.07 ? 23 LEU A HB2  1 
ATOM 384 H HB3  . LEU A 1 23 ? -2.919  -8.727  -1.696  1.00 3.31 ? 23 LEU A HB3  1 
ATOM 385 H HG   . LEU A 1 23 ? -3.807  -10.516 0.565   1.00 4.76 ? 23 LEU A HG   1 
ATOM 386 H HD11 . LEU A 1 23 ? -4.175  -8.154  1.244   1.00 5.07 ? 23 LEU A HD11 1 
ATOM 387 H HD12 . LEU A 1 23 ? -5.695  -8.993  0.936   1.00 5.22 ? 23 LEU A HD12 1 
ATOM 388 H HD13 . LEU A 1 23 ? -5.049  -7.872  -0.261  1.00 5.20 ? 23 LEU A HD13 1 
ATOM 389 H HD21 . LEU A 1 23 ? -5.180  -9.586  -1.980  1.00 5.18 ? 23 LEU A HD21 1 
ATOM 390 H HD22 . LEU A 1 23 ? -5.756  -10.828 -0.866  1.00 5.21 ? 23 LEU A HD22 1 
ATOM 391 H HD23 . LEU A 1 23 ? -4.303  -11.108 -1.824  1.00 5.16 ? 23 LEU A HD23 1 
ATOM 392 N N    . LYS A 1 24 ? -0.890  -9.893  -3.235  1.00 1.85 ? 24 LYS A N    1 
ATOM 393 C CA   . LYS A 1 24 ? -0.735  -10.134 -4.705  1.00 2.00 ? 24 LYS A CA   1 
ATOM 394 C C    . LYS A 1 24 ? 0.067   -11.419 -4.950  1.00 2.55 ? 24 LYS A C    1 
ATOM 395 O O    . LYS A 1 24 ? -0.183  -12.140 -5.898  1.00 2.79 ? 24 LYS A O    1 
ATOM 396 C CB   . LYS A 1 24 ? 0.024   -8.916  -5.242  1.00 2.41 ? 24 LYS A CB   1 
ATOM 397 C CG   . LYS A 1 24 ? -0.105  -8.860  -6.768  1.00 3.32 ? 24 LYS A CG   1 
ATOM 398 C CD   . LYS A 1 24 ? 1.288   -8.880  -7.405  1.00 4.15 ? 24 LYS A CD   1 
ATOM 399 C CE   . LYS A 1 24 ? 1.652   -10.315 -7.804  1.00 5.08 ? 24 LYS A CE   1 
ATOM 400 N NZ   . LYS A 1 24 ? 2.862   -10.185 -8.669  1.00 5.76 ? 24 LYS A NZ   1 
ATOM 401 H H    . LYS A 1 24 ? -0.427  -9.137  -2.813  1.00 1.62 ? 24 LYS A H    1 
ATOM 402 H HA   . LYS A 1 24 ? -1.702  -10.201 -5.176  1.00 2.21 ? 24 LYS A HA   1 
ATOM 403 H HB2  . LYS A 1 24 ? -0.393  -8.016  -4.812  1.00 2.31 ? 24 LYS A HB2  1 
ATOM 404 H HB3  . LYS A 1 24 ? 1.066   -8.994  -4.972  1.00 2.77 ? 24 LYS A HB3  1 
ATOM 405 H HG2  . LYS A 1 24 ? -0.673  -9.714  -7.113  1.00 3.53 ? 24 LYS A HG2  1 
ATOM 406 H HG3  . LYS A 1 24 ? -0.615  -7.952  -7.052  1.00 3.61 ? 24 LYS A HG3  1 
ATOM 407 H HD2  . LYS A 1 24 ? 1.287   -8.249  -8.283  1.00 4.38 ? 24 LYS A HD2  1 
ATOM 408 H HD3  . LYS A 1 24 ? 2.013   -8.510  -6.697  1.00 4.33 ? 24 LYS A HD3  1 
ATOM 409 H HE2  . LYS A 1 24 ? 1.879   -10.901 -6.924  1.00 5.27 ? 24 LYS A HE2  1 
ATOM 410 H HE3  . LYS A 1 24 ? 0.847   -10.767 -8.361  1.00 5.44 ? 24 LYS A HE3  1 
ATOM 411 H HZ1  . LYS A 1 24 ? 3.171   -11.129 -8.974  1.00 5.86 ? 24 LYS A HZ1  1 
ATOM 412 H HZ2  . LYS A 1 24 ? 3.626   -9.726  -8.131  1.00 5.87 ? 24 LYS A HZ2  1 
ATOM 413 H HZ3  . LYS A 1 24 ? 2.633   -9.611  -9.505  1.00 6.34 ? 24 LYS A HZ3  1 
ATOM 414 N N    . ALA A 1 25 ? 1.026   -11.711 -4.099  1.00 3.12 ? 25 ALA A N    1 
ATOM 415 C CA   . ALA A 1 25 ? 1.843   -12.954 -4.276  1.00 4.16 ? 25 ALA A CA   1 
ATOM 416 C C    . ALA A 1 25 ? 0.943   -14.196 -4.213  1.00 4.39 ? 25 ALA A C    1 
ATOM 417 O O    . ALA A 1 25 ? 1.122   -15.139 -4.961  1.00 4.92 ? 25 ALA A O    1 
ATOM 418 C CB   . ALA A 1 25 ? 2.835   -12.954 -3.109  1.00 4.96 ? 25 ALA A CB   1 
ATOM 419 H H    . ALA A 1 25 ? 1.206   -11.112 -3.343  1.00 3.03 ? 25 ALA A H    1 
ATOM 420 H HA   . ALA A 1 25 ? 2.377   -12.923 -5.212  1.00 4.45 ? 25 ALA A HA   1 
ATOM 421 H HB1  . ALA A 1 25 ? 3.355   -13.900 -3.078  1.00 5.17 ? 25 ALA A HB1  1 
ATOM 422 H HB2  . ALA A 1 25 ? 2.301   -12.806 -2.181  1.00 5.26 ? 25 ALA A HB2  1 
ATOM 423 H HB3  . ALA A 1 25 ? 3.549   -12.156 -3.244  1.00 5.36 ? 25 ALA A HB3  1 
ATOM 424 N N    . LYS A 1 26 ? -0.026  -14.200 -3.327  1.00 4.29 ? 26 LYS A N    1 
ATOM 425 C CA   . LYS A 1 26 ? -0.943  -15.374 -3.214  1.00 4.98 ? 26 LYS A CA   1 
ATOM 426 C C    . LYS A 1 26 ? -2.152  -15.189 -4.157  1.00 4.51 ? 26 LYS A C    1 
ATOM 427 O O    . LYS A 1 26 ? -1.985  -15.157 -5.362  1.00 4.91 ? 26 LYS A O    1 
ATOM 428 C CB   . LYS A 1 26 ? -1.357  -15.402 -1.735  1.00 5.66 ? 26 LYS A CB   1 
ATOM 429 C CG   . LYS A 1 26 ? -1.887  -16.794 -1.374  1.00 6.84 ? 26 LYS A CG   1 
ATOM 430 C CD   . LYS A 1 26 ? -1.129  -17.330 -0.156  1.00 7.42 ? 26 LYS A CD   1 
ATOM 431 C CE   . LYS A 1 26 ? 0.246   -17.851 -0.592  1.00 8.30 ? 26 LYS A CE   1 
ATOM 432 N NZ   . LYS A 1 26 ? 0.097   -19.334 -0.670  1.00 9.02 ? 26 LYS A NZ   1 
ATOM 433 H H    . LYS A 1 26 ? -0.150  -13.426 -2.737  1.00 3.94 ? 26 LYS A H    1 
ATOM 434 H HA   . LYS A 1 26 ? -0.416  -16.282 -3.464  1.00 5.58 ? 26 LYS A HA   1 
ATOM 435 H HB2  . LYS A 1 26 ? -0.498  -15.173 -1.120  1.00 5.41 ? 26 LYS A HB2  1 
ATOM 436 H HB3  . LYS A 1 26 ? -2.127  -14.667 -1.560  1.00 5.79 ? 26 LYS A HB3  1 
ATOM 437 H HG2  . LYS A 1 26 ? -2.941  -16.729 -1.144  1.00 7.24 ? 26 LYS A HG2  1 
ATOM 438 H HG3  . LYS A 1 26 ? -1.742  -17.462 -2.208  1.00 7.14 ? 26 LYS A HG3  1 
ATOM 439 H HD2  . LYS A 1 26 ? -1.002  -16.535 0.565   1.00 7.26 ? 26 LYS A HD2  1 
ATOM 440 H HD3  . LYS A 1 26 ? -1.693  -18.134 0.292   1.00 7.68 ? 26 LYS A HD3  1 
ATOM 441 H HE2  . LYS A 1 26 ? 0.508   -17.447 -1.560  1.00 8.46 ? 26 LYS A HE2  1 
ATOM 442 H HE3  . LYS A 1 26 ? 0.994   -17.592 0.140   1.00 8.47 ? 26 LYS A HE3  1 
ATOM 443 H HZ1  . LYS A 1 26 ? 0.989   -19.753 -1.001  1.00 9.34 ? 26 LYS A HZ1  1 
ATOM 444 H HZ2  . LYS A 1 26 ? -0.668  -19.574 -1.334  1.00 9.17 ? 26 LYS A HZ2  1 
ATOM 445 H HZ3  . LYS A 1 26 ? -0.130  -19.711 0.273   1.00 9.25 ? 26 LYS A HZ3  1 
ATOM 446 N N    . LEU A 1 27 ? -3.359  -15.066 -3.631  1.00 3.92 ? 27 LEU A N    1 
ATOM 447 C CA   . LEU A 1 27 ? -4.565  -14.885 -4.507  1.00 4.00 ? 27 LEU A CA   1 
ATOM 448 C C    . LEU A 1 27 ? -4.731  -16.078 -5.464  1.00 3.35 ? 27 LEU A C    1 
ATOM 449 O O    . LEU A 1 27 ? -4.096  -17.104 -5.300  1.00 3.79 ? 27 LEU A O    1 
ATOM 450 C CB   . LEU A 1 27 ? -4.305  -13.587 -5.284  1.00 4.59 ? 27 LEU A CB   1 
ATOM 451 C CG   . LEU A 1 27 ? -5.606  -12.789 -5.406  1.00 5.51 ? 27 LEU A CG   1 
ATOM 452 C CD1  . LEU A 1 27 ? -5.617  -11.664 -4.368  1.00 6.22 ? 27 LEU A CD1  1 
ATOM 453 C CD2  . LEU A 1 27 ? -5.705  -12.188 -6.810  1.00 5.84 ? 27 LEU A CD2  1 
ATOM 454 H H    . LEU A 1 27 ? -3.475  -15.096 -2.662  1.00 3.64 ? 27 LEU A H    1 
ATOM 455 H HA   . LEU A 1 27 ? -5.449  -14.773 -3.898  1.00 4.65 ? 27 LEU A HA   1 
ATOM 456 H HB2  . LEU A 1 27 ? -3.568  -12.995 -4.760  1.00 4.97 ? 27 LEU A HB2  1 
ATOM 457 H HB3  . LEU A 1 27 ? -3.939  -13.827 -6.270  1.00 4.38 ? 27 LEU A HB3  1 
ATOM 458 H HG   . LEU A 1 27 ? -6.449  -13.444 -5.232  1.00 5.81 ? 27 LEU A HG   1 
ATOM 459 H HD11 . LEU A 1 27 ? -5.496  -12.083 -3.381  1.00 6.42 ? 27 LEU A HD11 1 
ATOM 460 H HD12 . LEU A 1 27 ? -6.557  -11.134 -4.421  1.00 6.55 ? 27 LEU A HD12 1 
ATOM 461 H HD13 . LEU A 1 27 ? -4.807  -10.980 -4.571  1.00 6.54 ? 27 LEU A HD13 1 
ATOM 462 H HD21 . LEU A 1 27 ? -5.539  -12.962 -7.544  1.00 6.01 ? 27 LEU A HD21 1 
ATOM 463 H HD22 . LEU A 1 27 ? -4.959  -11.416 -6.924  1.00 6.06 ? 27 LEU A HD22 1 
ATOM 464 H HD23 . LEU A 1 27 ? -6.689  -11.763 -6.951  1.00 6.07 ? 27 LEU A HD23 1 
ATOM 465 N N    . MET A 1 28 ? -5.584  -15.947 -6.458  1.00 2.83 ? 28 MET A N    1 
ATOM 466 C CA   . MET A 1 28 ? -5.810  -17.061 -7.439  1.00 3.00 ? 28 MET A CA   1 
ATOM 467 C C    . MET A 1 28 ? -6.098  -18.384 -6.705  1.00 3.27 ? 28 MET A C    1 
ATOM 468 O O    . MET A 1 28 ? -5.254  -19.258 -6.651  1.00 3.73 ? 28 MET A O    1 
ATOM 469 C CB   . MET A 1 28 ? -4.512  -17.157 -8.253  1.00 3.66 ? 28 MET A CB   1 
ATOM 470 C CG   . MET A 1 28 ? -4.266  -15.843 -9.002  1.00 4.50 ? 28 MET A CG   1 
ATOM 471 S SD   . MET A 1 28 ? -5.501  -15.650 -10.311 1.00 5.41 ? 28 MET A SD   1 
ATOM 472 C CE   . MET A 1 28 ? -5.383  -13.853 -10.479 1.00 6.13 ? 28 MET A CE   1 
ATOM 473 H H    . MET A 1 28 ? -6.082  -15.109 -6.559  1.00 2.83 ? 28 MET A H    1 
ATOM 474 H HA   . MET A 1 28 ? -6.632  -16.815 -8.095  1.00 3.29 ? 28 MET A HA   1 
ATOM 475 H HB2  . MET A 1 28 ? -3.685  -17.352 -7.586  1.00 3.75 ? 28 MET A HB2  1 
ATOM 476 H HB3  . MET A 1 28 ? -4.596  -17.964 -8.965  1.00 4.03 ? 28 MET A HB3  1 
ATOM 477 H HG2  . MET A 1 28 ? -4.342  -15.016 -8.311  1.00 4.75 ? 28 MET A HG2  1 
ATOM 478 H HG3  . MET A 1 28 ? -3.279  -15.858 -9.438  1.00 4.83 ? 28 MET A HG3  1 
ATOM 479 H HE1  . MET A 1 28 ? -6.059  -13.382 -9.779  1.00 6.29 ? 28 MET A HE1  1 
ATOM 480 H HE2  . MET A 1 28 ? -5.651  -13.565 -11.484 1.00 6.53 ? 28 MET A HE2  1 
ATOM 481 H HE3  . MET A 1 28 ? -4.369  -13.538 -10.276 1.00 6.39 ? 28 MET A HE3  1 
ATOM 482 N N    . PRO A 1 29 ? -7.288  -18.483 -6.159  1.00 3.63 ? 29 PRO A N    1 
ATOM 483 C CA   . PRO A 1 29 ? -7.691  -19.709 -5.415  1.00 4.54 ? 29 PRO A CA   1 
ATOM 484 C C    . PRO A 1 29 ? -7.896  -20.897 -6.368  1.00 4.92 ? 29 PRO A C    1 
ATOM 485 O O    . PRO A 1 29 ? -7.620  -22.031 -6.023  1.00 5.02 ? 29 PRO A O    1 
ATOM 486 C CB   . PRO A 1 29 ? -9.005  -19.307 -4.747  1.00 5.27 ? 29 PRO A CB   1 
ATOM 487 C CG   . PRO A 1 29 ? -9.547  -18.201 -5.595  1.00 4.89 ? 29 PRO A CG   1 
ATOM 488 C CD   . PRO A 1 29 ? -8.363  -17.479 -6.182  1.00 3.83 ? 29 PRO A CD   1 
ATOM 489 H HA   . PRO A 1 29 ? -6.957  -19.952 -4.663  1.00 4.84 ? 29 PRO A HA   1 
ATOM 490 H HB2  . PRO A 1 29 ? -9.690  -20.144 -4.733  1.00 5.99 ? 29 PRO A HB2  1 
ATOM 491 H HB3  . PRO A 1 29 ? -8.825  -18.950 -3.745  1.00 5.62 ? 29 PRO A HB3  1 
ATOM 492 H HG2  . PRO A 1 29 ? -10.163 -18.609 -6.383  1.00 5.25 ? 29 PRO A HG2  1 
ATOM 493 H HG3  . PRO A 1 29 ? -10.124 -17.520 -4.989  1.00 5.37 ? 29 PRO A HG3  1 
ATOM 494 H HD2  . PRO A 1 29 ? -8.575  -17.169 -7.197  1.00 3.77 ? 29 PRO A HD2  1 
ATOM 495 H HD3  . PRO A 1 29 ? -8.093  -16.632 -5.572  1.00 3.83 ? 29 PRO A HD3  1 
ATOM 496 N N    . GLN A 1 30 ? -8.377  -20.648 -7.564  1.00 5.53 ? 30 GLN A N    1 
ATOM 497 C CA   . GLN A 1 30 ? -8.596  -21.762 -8.536  1.00 6.23 ? 30 GLN A CA   1 
ATOM 498 C C    . GLN A 1 30 ? -8.190  -21.319 -9.949  1.00 6.57 ? 30 GLN A C    1 
ATOM 499 O O    . GLN A 1 30 ? -7.231  -21.819 -10.506 1.00 6.98 ? 30 GLN A O    1 
ATOM 500 C CB   . GLN A 1 30 ? -10.097 -22.065 -8.465  1.00 6.85 ? 30 GLN A CB   1 
ATOM 501 C CG   . GLN A 1 30 ? -10.459 -23.153 -9.484  1.00 7.66 ? 30 GLN A CG   1 
ATOM 502 C CD   . GLN A 1 30 ? -11.798 -22.812 -10.144 1.00 8.21 ? 30 GLN A CD   1 
ATOM 503 O OE1  . GLN A 1 30 ? -11.929 -21.791 -10.790 1.00 8.56 ? 30 GLN A OE1  1 
ATOM 504 N NE2  . GLN A 1 30 ? -12.805 -23.630 -10.006 1.00 8.57 ? 30 GLN A NE2  1 
ATOM 505 H H    . GLN A 1 30 ? -8.593  -19.729 -7.824  1.00 5.73 ? 30 GLN A H    1 
ATOM 506 H HA   . GLN A 1 30 ? -8.031  -22.633 -8.242  1.00 6.43 ? 30 GLN A HA   1 
ATOM 507 H HB2  . GLN A 1 30 ? -10.346 -22.408 -7.471  1.00 6.82 ? 30 GLN A HB2  1 
ATOM 508 H HB3  . GLN A 1 30 ? -10.656 -21.168 -8.686  1.00 7.07 ? 30 GLN A HB3  1 
ATOM 509 H HG2  . GLN A 1 30 ? -9.689  -23.209 -10.241 1.00 8.01 ? 30 GLN A HG2  1 
ATOM 510 H HG3  . GLN A 1 30 ? -10.538 -24.104 -8.982  1.00 7.80 ? 30 GLN A HG3  1 
ATOM 511 H HE21 . GLN A 1 30 ? -12.703 -24.452 -9.485  1.00 8.48 ? 30 GLN A HE21 1 
ATOM 512 H HE22 . GLN A 1 30 ? -13.666 -23.418 -10.425 1.00 9.09 ? 30 GLN A HE22 1 
ATOM 513 N N    . LEU A 1 31 ? -8.916  -20.385 -10.526 1.00 6.79 ? 31 LEU A N    1 
ATOM 514 C CA   . LEU A 1 31 ? -8.588  -19.896 -11.907 1.00 7.53 ? 31 LEU A CA   1 
ATOM 515 C C    . LEU A 1 31 ? -8.573  -21.065 -12.912 1.00 8.37 ? 31 LEU A C    1 
ATOM 516 O O    . LEU A 1 31 ? -9.381  -21.967 -12.756 1.00 8.80 ? 31 LEU A O    1 
ATOM 517 C CB   . LEU A 1 31 ? -7.202  -19.247 -11.779 1.00 7.20 ? 31 LEU A CB   1 
ATOM 518 C CG   . LEU A 1 31 ? -7.063  -18.122 -12.808 1.00 7.91 ? 31 LEU A CG   1 
ATOM 519 C CD1  . LEU A 1 31 ? -7.858  -16.898 -12.345 1.00 8.32 ? 31 LEU A CD1  1 
ATOM 520 C CD2  . LEU A 1 31 ? -5.586  -17.746 -12.950 1.00 8.17 ? 31 LEU A CD2  1 
ATOM 521 O OXT  . LEU A 1 31 ? -7.761  -21.036 -13.826 1.00 8.78 ? 31 LEU A OXT  1 
ATOM 522 H H    . LEU A 1 31 ? -9.682  -20.003 -10.051 1.00 6.71 ? 31 LEU A H    1 
ATOM 523 H HA   . LEU A 1 31 ? -9.310  -19.155 -12.216 1.00 7.96 ? 31 LEU A HA   1 
ATOM 524 H HB2  . LEU A 1 31 ? -7.085  -18.841 -10.784 1.00 6.72 ? 31 LEU A HB2  1 
ATOM 525 H HB3  . LEU A 1 31 ? -6.439  -19.990 -11.957 1.00 7.27 ? 31 LEU A HB3  1 
ATOM 526 H HG   . LEU A 1 31 ? -7.444  -18.457 -13.761 1.00 8.25 ? 31 LEU A HG   1 
ATOM 527 H HD11 . LEU A 1 31 ? -8.902  -17.037 -12.583 1.00 8.40 ? 31 LEU A HD11 1 
ATOM 528 H HD12 . LEU A 1 31 ? -7.489  -16.017 -12.847 1.00 8.67 ? 31 LEU A HD12 1 
ATOM 529 H HD13 . LEU A 1 31 ? -7.746  -16.778 -11.277 1.00 8.47 ? 31 LEU A HD13 1 
ATOM 530 H HD21 . LEU A 1 31 ? -5.128  -17.708 -11.972 1.00 8.33 ? 31 LEU A HD21 1 
ATOM 531 H HD22 . LEU A 1 31 ? -5.504  -16.779 -13.424 1.00 8.51 ? 31 LEU A HD22 1 
ATOM 532 H HD23 . LEU A 1 31 ? -5.083  -18.486 -13.554 1.00 8.17 ? 31 LEU A HD23 1 
# 
